data_1CDS
#
_entry.id   1CDS
#
_cell.length_a   1.000
_cell.length_b   1.000
_cell.length_c   1.000
_cell.angle_alpha   90.00
_cell.angle_beta   90.00
_cell.angle_gamma   90.00
#
_symmetry.space_group_name_H-M   'P 1'
#
loop_
_entity.id
_entity.type
_entity.pdbx_description
1 polymer CD59
2 branched 2-acetamido-2-deoxy-beta-D-glucopyranose-(1-4)-2-acetamido-2-deoxy-beta-D-glucopyranose
#
_entity_poly.entity_id   1
_entity_poly.type   'polypeptide(L)'
_entity_poly.pdbx_seq_one_letter_code
;LQCYNCPNPTADCKTAVNCSSDFDACLITKAGLQVYNKCWKFEHCNFNDVTTRLRENELTYYCCKKDLCNFNEQLEN
;
_entity_poly.pdbx_strand_id   A
#
loop_
_chem_comp.id
_chem_comp.type
_chem_comp.name
_chem_comp.formula
NAG D-saccharide, beta linking 2-acetamido-2-deoxy-beta-D-glucopyranose 'C8 H15 N O6'
#
# COMPACT_ATOMS: atom_id res chain seq x y z
N LEU A 1 -7.46 -9.14 7.55
CA LEU A 1 -6.50 -8.66 6.52
C LEU A 1 -5.46 -7.75 7.16
N GLN A 2 -4.41 -8.31 7.67
CA GLN A 2 -3.35 -7.48 8.31
C GLN A 2 -2.60 -6.71 7.25
N CYS A 3 -1.99 -5.61 7.61
CA CYS A 3 -1.23 -4.81 6.60
C CYS A 3 -0.22 -3.92 7.31
N TYR A 4 0.83 -3.55 6.63
CA TYR A 4 1.87 -2.68 7.26
C TYR A 4 1.38 -1.22 7.21
N ASN A 5 1.72 -0.44 8.20
CA ASN A 5 1.29 0.98 8.19
C ASN A 5 2.28 1.83 8.98
N CYS A 6 3.11 2.58 8.31
CA CYS A 6 4.10 3.42 9.03
C CYS A 6 3.59 4.87 9.10
N PRO A 7 4.17 5.62 9.99
CA PRO A 7 3.80 7.04 10.19
C PRO A 7 4.43 7.92 9.10
N ASN A 8 5.25 7.35 8.27
CA ASN A 8 5.90 8.16 7.20
C ASN A 8 6.25 7.27 6.00
N PRO A 9 6.28 7.87 4.84
CA PRO A 9 6.59 7.16 3.60
C PRO A 9 8.09 6.92 3.50
N THR A 10 8.57 5.87 4.13
CA THR A 10 10.01 5.56 4.09
C THR A 10 10.23 4.21 3.41
N ALA A 11 11.45 3.89 3.06
CA ALA A 11 11.72 2.59 2.39
C ALA A 11 12.42 1.65 3.37
N ASP A 12 11.91 1.53 4.56
CA ASP A 12 12.54 0.62 5.57
C ASP A 12 11.56 0.39 6.71
N CYS A 13 10.29 0.43 6.41
CA CYS A 13 9.26 0.20 7.46
C CYS A 13 9.04 -1.30 7.65
N LYS A 14 9.32 -1.81 8.81
CA LYS A 14 9.11 -3.27 9.06
C LYS A 14 8.17 -3.45 10.24
N THR A 15 7.09 -2.72 10.28
CA THR A 15 6.12 -2.86 11.41
C THR A 15 4.76 -3.27 10.86
N ALA A 16 4.31 -4.46 11.18
CA ALA A 16 2.99 -4.93 10.69
C ALA A 16 1.90 -4.50 11.67
N VAL A 17 0.67 -4.44 11.23
CA VAL A 17 -0.43 -4.03 12.14
C VAL A 17 -1.78 -4.25 11.46
N ASN A 18 -2.76 -4.68 12.20
CA ASN A 18 -4.11 -4.90 11.59
C ASN A 18 -4.66 -3.57 11.10
N CYS A 19 -5.27 -3.54 9.95
CA CYS A 19 -5.82 -2.26 9.43
C CYS A 19 -7.34 -2.22 9.68
N SER A 20 -7.77 -2.67 10.83
CA SER A 20 -9.22 -2.66 11.14
C SER A 20 -10.00 -3.23 9.96
N SER A 21 -11.29 -3.09 9.96
CA SER A 21 -12.12 -3.62 8.84
C SER A 21 -12.13 -2.62 7.68
N ASP A 22 -12.87 -2.89 6.66
CA ASP A 22 -12.91 -1.96 5.49
C ASP A 22 -11.61 -2.08 4.70
N PHE A 23 -11.07 -3.27 4.60
CA PHE A 23 -9.81 -3.46 3.84
C PHE A 23 -9.71 -4.92 3.38
N ASP A 24 -9.58 -5.14 2.10
CA ASP A 24 -9.48 -6.53 1.59
C ASP A 24 -8.32 -6.63 0.60
N ALA A 25 -7.46 -5.65 0.57
CA ALA A 25 -6.32 -5.70 -0.38
C ALA A 25 -5.16 -4.85 0.13
N CYS A 26 -4.12 -5.46 0.65
CA CYS A 26 -2.97 -4.65 1.15
C CYS A 26 -2.48 -3.78 0.00
N LEU A 27 -1.92 -2.66 0.28
CA LEU A 27 -1.44 -1.79 -0.83
C LEU A 27 0.02 -1.41 -0.63
N ILE A 28 0.82 -1.62 -1.64
CA ILE A 28 2.26 -1.26 -1.56
C ILE A 28 2.56 -0.30 -2.72
N THR A 29 2.51 0.97 -2.46
CA THR A 29 2.78 1.96 -3.53
C THR A 29 4.23 2.45 -3.43
N LYS A 30 4.79 2.86 -4.54
CA LYS A 30 6.20 3.36 -4.52
C LYS A 30 6.33 4.52 -5.49
N ALA A 31 6.01 5.71 -5.04
CA ALA A 31 6.11 6.89 -5.94
C ALA A 31 7.55 7.41 -5.94
N GLY A 32 8.43 6.76 -6.65
CA GLY A 32 9.85 7.22 -6.68
C GLY A 32 10.62 6.55 -5.54
N LEU A 33 11.03 7.31 -4.57
CA LEU A 33 11.79 6.73 -3.43
C LEU A 33 10.89 6.66 -2.19
N GLN A 34 9.68 7.17 -2.30
CA GLN A 34 8.75 7.14 -1.14
C GLN A 34 7.92 5.86 -1.19
N VAL A 35 7.99 5.06 -0.15
CA VAL A 35 7.20 3.79 -0.16
C VAL A 35 5.96 3.95 0.73
N TYR A 36 4.80 3.95 0.15
CA TYR A 36 3.55 4.10 0.96
C TYR A 36 3.01 2.71 1.31
N ASN A 37 3.14 2.30 2.54
CA ASN A 37 2.62 0.95 2.92
C ASN A 37 1.32 1.10 3.72
N LYS A 38 0.20 1.09 3.05
CA LYS A 38 -1.09 1.24 3.77
C LYS A 38 -2.09 0.21 3.23
N CYS A 39 -3.08 -0.12 4.01
CA CYS A 39 -4.09 -1.12 3.55
C CYS A 39 -5.02 -0.44 2.54
N TRP A 40 -5.53 -1.18 1.59
CA TRP A 40 -6.42 -0.56 0.58
C TRP A 40 -7.48 -1.57 0.14
N LYS A 41 -8.56 -1.11 -0.43
CA LYS A 41 -9.63 -2.05 -0.88
C LYS A 41 -9.31 -2.54 -2.29
N PHE A 42 -9.89 -3.63 -2.70
CA PHE A 42 -9.62 -4.16 -4.07
C PHE A 42 -10.47 -3.40 -5.07
N GLU A 43 -11.62 -2.94 -4.67
CA GLU A 43 -12.50 -2.19 -5.61
C GLU A 43 -11.86 -0.84 -5.94
N HIS A 44 -11.00 -0.36 -5.09
CA HIS A 44 -10.34 0.95 -5.35
C HIS A 44 -8.92 0.71 -5.83
N CYS A 45 -8.64 -0.47 -6.32
CA CYS A 45 -7.27 -0.78 -6.82
C CYS A 45 -7.18 -0.46 -8.31
N ASN A 46 -7.14 0.80 -8.65
CA ASN A 46 -7.06 1.17 -10.09
C ASN A 46 -6.09 2.34 -10.26
N PHE A 47 -5.89 2.79 -11.47
CA PHE A 47 -4.96 3.94 -11.70
C PHE A 47 -5.71 5.25 -11.51
N ASN A 48 -6.50 5.35 -10.47
CA ASN A 48 -7.27 6.60 -10.22
C ASN A 48 -7.82 6.59 -8.80
N ASP A 49 -8.24 5.44 -8.34
CA ASP A 49 -8.80 5.36 -6.96
C ASP A 49 -7.67 5.52 -5.94
N VAL A 50 -6.45 5.33 -6.36
CA VAL A 50 -5.31 5.48 -5.42
C VAL A 50 -4.61 6.82 -5.67
N THR A 51 -4.66 7.31 -6.88
CA THR A 51 -4.00 8.61 -7.19
C THR A 51 -4.93 9.76 -6.76
N THR A 52 -6.15 9.45 -6.45
CA THR A 52 -7.09 10.53 -6.03
C THR A 52 -7.19 10.56 -4.50
N ARG A 53 -7.31 9.42 -3.88
CA ARG A 53 -7.40 9.38 -2.40
C ARG A 53 -6.16 10.02 -1.81
N LEU A 54 -5.00 9.62 -2.26
CA LEU A 54 -3.74 10.20 -1.73
C LEU A 54 -3.56 11.61 -2.31
N ARG A 55 -4.39 12.00 -3.23
CA ARG A 55 -4.26 13.36 -3.83
C ARG A 55 -2.92 13.46 -4.55
N GLU A 56 -2.52 12.43 -5.24
CA GLU A 56 -1.21 12.47 -5.97
C GLU A 56 -1.44 12.12 -7.44
N ASN A 57 -0.40 11.83 -8.16
CA ASN A 57 -0.56 11.48 -9.59
C ASN A 57 0.56 10.52 -10.03
N GLU A 58 1.80 10.94 -9.92
CA GLU A 58 2.93 10.06 -10.33
C GLU A 58 3.24 9.08 -9.19
N LEU A 59 3.00 7.82 -9.40
CA LEU A 59 3.28 6.82 -8.33
C LEU A 59 2.82 5.43 -8.78
N THR A 60 3.13 4.42 -8.02
CA THR A 60 2.69 3.04 -8.41
C THR A 60 1.77 2.49 -7.32
N TYR A 61 1.40 1.24 -7.41
CA TYR A 61 0.50 0.66 -6.37
C TYR A 61 0.20 -0.81 -6.70
N TYR A 62 0.50 -1.70 -5.79
CA TYR A 62 0.23 -3.14 -6.04
C TYR A 62 -0.65 -3.68 -4.90
N CYS A 63 -1.86 -4.06 -5.19
CA CYS A 63 -2.75 -4.59 -4.14
C CYS A 63 -2.45 -6.07 -3.89
N CYS A 64 -2.70 -6.54 -2.70
CA CYS A 64 -2.42 -7.98 -2.38
C CYS A 64 -3.59 -8.56 -1.58
N LYS A 65 -3.82 -9.84 -1.71
CA LYS A 65 -4.95 -10.46 -0.94
C LYS A 65 -4.37 -11.38 0.15
N LYS A 66 -3.19 -11.09 0.62
CA LYS A 66 -2.58 -11.95 1.68
C LYS A 66 -2.23 -11.08 2.90
N ASP A 67 -2.43 -11.61 4.08
CA ASP A 67 -2.11 -10.83 5.30
C ASP A 67 -0.64 -10.39 5.28
N LEU A 68 -0.39 -9.12 5.38
CA LEU A 68 1.03 -8.63 5.36
C LEU A 68 1.68 -9.01 4.04
N CYS A 69 1.12 -8.58 2.94
CA CYS A 69 1.73 -8.92 1.62
C CYS A 69 2.64 -7.77 1.17
N ASN A 70 2.44 -6.60 1.73
CA ASN A 70 3.29 -5.44 1.34
C ASN A 70 4.54 -5.40 2.22
N PHE A 71 5.63 -5.93 1.74
CA PHE A 71 6.88 -5.92 2.56
C PHE A 71 8.04 -5.38 1.71
N ASN A 72 7.76 -4.47 0.83
CA ASN A 72 8.83 -3.91 -0.04
C ASN A 72 9.53 -5.04 -0.79
N GLU A 73 8.87 -5.62 -1.75
CA GLU A 73 9.50 -6.72 -2.53
C GLU A 73 8.41 -7.50 -3.29
N GLN A 74 7.70 -6.83 -4.15
CA GLN A 74 6.63 -7.53 -4.93
C GLN A 74 6.68 -7.07 -6.39
N LEU A 75 6.54 -5.79 -6.62
CA LEU A 75 6.58 -5.29 -8.02
C LEU A 75 8.00 -4.85 -8.37
N GLU A 76 8.91 -4.91 -7.42
CA GLU A 76 10.31 -4.50 -7.70
C GLU A 76 10.41 -2.98 -7.75
N ASN A 77 11.59 -2.46 -7.93
CA ASN A 77 11.75 -0.98 -7.98
C ASN A 77 11.13 -0.44 -9.27
C1 NAG B . -4.18 -9.08 13.48
C2 NAG B . -2.97 -9.52 14.30
C3 NAG B . -2.89 -11.03 14.28
C4 NAG B . -4.18 -11.59 14.87
C5 NAG B . -5.35 -11.08 14.03
C6 NAG B . -6.69 -11.57 14.54
C7 NAG B . -1.11 -8.02 14.40
C8 NAG B . 0.16 -7.47 13.77
N2 NAG B . -1.76 -8.94 13.74
O3 NAG B . -1.78 -11.47 15.04
O4 NAG B . -4.15 -13.02 14.88
O5 NAG B . -5.39 -9.64 14.03
O6 NAG B . -7.37 -12.36 13.56
O7 NAG B . -1.50 -7.63 15.49
H1 NAG B . -4.09 -9.44 12.45
H2 NAG B . -3.10 -9.17 15.34
H3 NAG B . -2.80 -11.37 13.24
H4 NAG B . -4.29 -11.20 15.89
H5 NAG B . -5.23 -11.42 12.99
H61 NAG B . -7.31 -10.71 14.81
H62 NAG B . -6.54 -12.17 15.45
H81 NAG B . 0.09 -7.52 12.68
H82 NAG B . 1.03 -8.05 14.10
H83 NAG B . 0.30 -6.42 14.07
HN2 NAG B . -1.43 -9.25 12.88
HO3 NAG B . -1.43 -10.74 15.55
HO6 NAG B . -8.11 -11.87 13.22
C1 NAG B . -4.07 -13.64 13.64
C2 NAG B . -2.81 -14.49 13.57
C3 NAG B . -2.78 -15.19 12.22
C4 NAG B . -4.03 -16.04 12.09
C5 NAG B . -5.26 -15.14 12.21
C6 NAG B . -6.56 -15.90 12.11
C7 NAG B . -0.78 -13.92 14.69
C8 NAG B . 0.43 -13.01 14.81
N2 NAG B . -1.63 -13.66 13.73
O3 NAG B . -1.61 -15.99 12.11
O4 NAG B . -4.03 -16.71 10.84
O5 NAG B . -5.24 -14.46 13.48
O6 NAG B . -7.67 -15.05 12.34
O7 NAG B . -0.95 -14.86 15.43
H1 NAG B . -4.07 -12.89 12.84
H2 NAG B . -2.84 -15.25 14.36
H3 NAG B . -2.77 -14.42 11.43
H4 NAG B . -4.04 -16.77 12.91
H5 NAG B . -5.22 -14.37 11.41
H61 NAG B . -6.55 -16.71 12.84
H62 NAG B . -6.63 -16.34 11.11
H81 NAG B . 0.20 -12.16 15.46
H82 NAG B . 0.73 -12.63 13.82
H83 NAG B . 1.27 -13.57 15.24
HN2 NAG B . -1.48 -12.90 13.14
HO3 NAG B . -1.43 -16.17 11.18
HO4 NAG B . -4.85 -17.19 10.74
HO6 NAG B . -7.82 -14.50 11.57
N LEU A 1 -6.17 -10.26 7.02
CA LEU A 1 -5.18 -9.49 6.22
C LEU A 1 -4.33 -8.63 7.15
N GLN A 2 -3.09 -8.43 6.81
CA GLN A 2 -2.18 -7.61 7.66
C GLN A 2 -1.34 -6.70 6.77
N CYS A 3 -0.92 -5.57 7.26
CA CYS A 3 -0.09 -4.66 6.43
C CYS A 3 0.95 -3.95 7.29
N TYR A 4 1.94 -3.36 6.68
CA TYR A 4 2.99 -2.65 7.45
C TYR A 4 2.56 -1.21 7.67
N ASN A 5 1.44 -1.00 8.30
CA ASN A 5 0.97 0.41 8.54
C ASN A 5 2.14 1.28 8.99
N CYS A 6 2.12 2.54 8.63
CA CYS A 6 3.23 3.45 9.05
C CYS A 6 2.76 4.90 8.94
N PRO A 7 3.18 5.71 9.88
CA PRO A 7 2.82 7.13 9.92
C PRO A 7 3.66 7.94 8.93
N ASN A 8 4.69 7.34 8.38
CA ASN A 8 5.55 8.07 7.42
C ASN A 8 5.83 7.18 6.21
N PRO A 9 6.17 7.82 5.11
CA PRO A 9 6.48 7.11 3.85
C PRO A 9 7.87 6.50 3.92
N THR A 10 7.98 5.34 4.53
CA THR A 10 9.31 4.67 4.65
C THR A 10 9.33 3.42 3.76
N ALA A 11 10.49 2.90 3.49
CA ALA A 11 10.58 1.68 2.64
C ALA A 11 11.03 0.49 3.49
N ASP A 12 10.55 0.40 4.71
CA ASP A 12 10.95 -0.72 5.58
C ASP A 12 10.20 -0.64 6.91
N CYS A 13 8.94 -0.33 6.87
CA CYS A 13 8.16 -0.23 8.14
C CYS A 13 7.78 -1.64 8.61
N LYS A 14 7.66 -1.83 9.89
CA LYS A 14 7.30 -3.18 10.41
C LYS A 14 6.26 -3.04 11.53
N THR A 15 5.27 -2.22 11.33
CA THR A 15 4.22 -2.05 12.39
C THR A 15 3.35 -3.29 12.45
N ALA A 16 3.22 -3.99 11.36
CA ALA A 16 2.39 -5.23 11.33
C ALA A 16 1.10 -5.00 12.13
N VAL A 17 0.05 -4.60 11.47
CA VAL A 17 -1.24 -4.36 12.18
C VAL A 17 -2.38 -4.98 11.37
N ASN A 18 -3.37 -5.50 12.03
CA ASN A 18 -4.52 -6.11 11.30
C ASN A 18 -5.43 -5.01 10.76
N CYS A 19 -5.27 -4.65 9.52
CA CYS A 19 -6.13 -3.58 8.93
C CYS A 19 -7.59 -3.87 9.27
N SER A 20 -8.13 -3.17 10.25
CA SER A 20 -9.54 -3.40 10.62
C SER A 20 -10.33 -2.10 10.45
N SER A 21 -10.67 -1.76 9.23
CA SER A 21 -11.44 -0.49 9.01
C SER A 21 -11.53 -0.23 7.50
N ASP A 22 -12.40 -0.91 6.82
CA ASP A 22 -12.55 -0.69 5.35
C ASP A 22 -11.25 -1.07 4.65
N PHE A 23 -10.75 -2.26 4.91
CA PHE A 23 -9.47 -2.69 4.25
C PHE A 23 -9.60 -4.14 3.79
N ASP A 24 -9.19 -4.44 2.59
CA ASP A 24 -9.28 -5.84 2.10
C ASP A 24 -8.13 -6.11 1.13
N ALA A 25 -7.13 -5.28 1.11
CA ALA A 25 -5.98 -5.50 0.19
C ALA A 25 -4.79 -4.63 0.63
N CYS A 26 -3.63 -5.21 0.76
CA CYS A 26 -2.45 -4.40 1.18
C CYS A 26 -2.04 -3.52 0.00
N LEU A 27 -1.50 -2.36 0.27
CA LEU A 27 -1.11 -1.46 -0.85
C LEU A 27 0.37 -1.08 -0.74
N ILE A 28 1.10 -1.33 -1.79
CA ILE A 28 2.55 -0.97 -1.79
C ILE A 28 2.78 0.01 -2.94
N THR A 29 2.71 1.29 -2.64
CA THR A 29 2.90 2.31 -3.72
C THR A 29 4.33 2.86 -3.66
N LYS A 30 4.93 3.03 -4.81
CA LYS A 30 6.31 3.57 -4.85
C LYS A 30 6.35 4.75 -5.82
N ALA A 31 6.13 5.94 -5.32
CA ALA A 31 6.14 7.14 -6.21
C ALA A 31 7.58 7.63 -6.40
N GLY A 32 8.42 6.83 -7.00
CA GLY A 32 9.83 7.27 -7.22
C GLY A 32 10.71 6.73 -6.08
N LEU A 33 11.14 7.59 -5.19
CA LEU A 33 12.00 7.13 -4.07
C LEU A 33 11.22 7.15 -2.76
N GLN A 34 9.91 7.10 -2.84
CA GLN A 34 9.10 7.12 -1.59
C GLN A 34 8.14 5.92 -1.58
N VAL A 35 8.13 5.17 -0.51
CA VAL A 35 7.21 3.99 -0.43
C VAL A 35 5.99 4.38 0.41
N TYR A 36 4.89 3.74 0.18
CA TYR A 36 3.66 4.07 0.96
C TYR A 36 3.01 2.78 1.46
N ASN A 37 3.18 2.48 2.72
CA ASN A 37 2.56 1.25 3.28
C ASN A 37 1.21 1.60 3.91
N LYS A 38 0.13 1.15 3.33
CA LYS A 38 -1.20 1.48 3.90
C LYS A 38 -2.21 0.37 3.57
N CYS A 39 -3.25 0.27 4.34
CA CYS A 39 -4.27 -0.77 4.07
C CYS A 39 -5.24 -0.23 3.01
N TRP A 40 -5.23 -0.80 1.84
CA TRP A 40 -6.14 -0.31 0.77
C TRP A 40 -7.15 -1.40 0.43
N LYS A 41 -8.15 -1.08 -0.36
CA LYS A 41 -9.17 -2.10 -0.72
C LYS A 41 -8.99 -2.50 -2.19
N PHE A 42 -9.65 -3.54 -2.61
CA PHE A 42 -9.53 -3.98 -4.02
C PHE A 42 -10.44 -3.13 -4.90
N GLU A 43 -11.57 -2.73 -4.37
CA GLU A 43 -12.51 -1.90 -5.17
C GLU A 43 -11.94 -0.49 -5.34
N HIS A 44 -10.99 -0.13 -4.51
CA HIS A 44 -10.38 1.23 -4.62
C HIS A 44 -9.07 1.14 -5.39
N CYS A 45 -8.79 0.00 -5.97
CA CYS A 45 -7.52 -0.15 -6.75
C CYS A 45 -7.87 -0.12 -8.25
N ASN A 46 -7.85 1.03 -8.86
CA ASN A 46 -8.18 1.11 -10.30
C ASN A 46 -7.34 2.20 -10.97
N PHE A 47 -6.11 2.36 -10.55
CA PHE A 47 -5.24 3.41 -11.16
C PHE A 47 -5.98 4.75 -11.16
N ASN A 48 -6.83 4.96 -10.19
CA ASN A 48 -7.58 6.24 -10.11
C ASN A 48 -8.05 6.46 -8.68
N ASP A 49 -8.59 5.45 -8.06
CA ASP A 49 -9.06 5.59 -6.65
C ASP A 49 -7.83 5.72 -5.74
N VAL A 50 -6.68 5.37 -6.23
CA VAL A 50 -5.45 5.46 -5.40
C VAL A 50 -4.76 6.79 -5.68
N THR A 51 -4.74 7.21 -6.92
CA THR A 51 -4.08 8.51 -7.26
C THR A 51 -4.96 9.67 -6.77
N THR A 52 -6.20 9.40 -6.48
CA THR A 52 -7.10 10.47 -6.00
C THR A 52 -7.14 10.45 -4.47
N ARG A 53 -7.26 9.30 -3.87
CA ARG A 53 -7.30 9.23 -2.39
C ARG A 53 -5.96 9.71 -1.83
N LEU A 54 -4.88 9.32 -2.47
CA LEU A 54 -3.54 9.75 -1.99
C LEU A 54 -3.27 11.17 -2.50
N ARG A 55 -4.11 11.69 -3.35
CA ARG A 55 -3.90 13.06 -3.88
C ARG A 55 -2.60 13.10 -4.66
N GLU A 56 -2.30 12.07 -5.40
CA GLU A 56 -1.03 12.04 -6.19
C GLU A 56 -1.36 11.79 -7.66
N ASN A 57 -0.42 11.33 -8.42
CA ASN A 57 -0.69 11.06 -9.87
C ASN A 57 0.33 10.04 -10.40
N GLU A 58 1.59 10.27 -10.17
CA GLU A 58 2.62 9.32 -10.66
C GLU A 58 3.02 8.36 -9.54
N LEU A 59 2.58 7.13 -9.60
CA LEU A 59 2.95 6.17 -8.53
C LEU A 59 2.50 4.76 -8.94
N THR A 60 3.33 3.78 -8.73
CA THR A 60 2.95 2.38 -9.12
C THR A 60 2.32 1.67 -7.92
N TYR A 61 1.09 1.96 -7.62
CA TYR A 61 0.42 1.29 -6.47
C TYR A 61 0.19 -0.19 -6.80
N TYR A 62 0.52 -1.07 -5.90
CA TYR A 62 0.31 -2.52 -6.17
C TYR A 62 -0.50 -3.14 -5.03
N CYS A 63 -1.78 -3.32 -5.22
CA CYS A 63 -2.63 -3.91 -4.15
C CYS A 63 -2.45 -5.43 -4.14
N CYS A 64 -2.68 -6.06 -3.01
CA CYS A 64 -2.52 -7.54 -2.94
C CYS A 64 -3.52 -8.11 -1.94
N LYS A 65 -3.57 -9.42 -1.82
CA LYS A 65 -4.52 -10.04 -0.86
C LYS A 65 -3.74 -10.98 0.07
N LYS A 66 -2.48 -10.72 0.28
CA LYS A 66 -1.66 -11.59 1.17
C LYS A 66 -1.36 -10.85 2.47
N ASP A 67 -0.97 -11.56 3.49
CA ASP A 67 -0.67 -10.91 4.79
C ASP A 67 0.75 -10.33 4.75
N LEU A 68 0.87 -9.03 4.67
CA LEU A 68 2.22 -8.39 4.63
C LEU A 68 2.90 -8.69 3.29
N CYS A 69 2.32 -8.24 2.21
CA CYS A 69 2.94 -8.49 0.88
C CYS A 69 3.82 -7.30 0.50
N ASN A 70 3.72 -6.22 1.25
CA ASN A 70 4.54 -5.03 0.93
C ASN A 70 5.85 -5.06 1.73
N PHE A 71 6.51 -6.18 1.74
CA PHE A 71 7.79 -6.27 2.49
C PHE A 71 8.95 -5.87 1.57
N ASN A 72 8.74 -4.88 0.75
CA ASN A 72 9.82 -4.43 -0.17
C ASN A 72 10.24 -5.61 -1.05
N GLU A 73 9.37 -6.07 -1.90
CA GLU A 73 9.73 -7.22 -2.79
C GLU A 73 8.45 -7.80 -3.41
N GLN A 74 7.53 -6.96 -3.81
CA GLN A 74 6.28 -7.48 -4.41
C GLN A 74 5.80 -6.50 -5.49
N LEU A 75 6.66 -6.15 -6.41
CA LEU A 75 6.25 -5.20 -7.48
C LEU A 75 6.96 -5.56 -8.79
N GLU A 76 8.26 -5.71 -8.75
CA GLU A 76 9.00 -6.06 -9.99
C GLU A 76 8.88 -4.93 -11.01
N ASN A 77 9.76 -3.97 -10.95
CA ASN A 77 9.69 -2.83 -11.91
C ASN A 77 8.32 -2.16 -11.81
C1 NAG B . -4.15 -10.47 13.22
C2 NAG B . -2.70 -10.50 13.69
C3 NAG B . -2.20 -11.94 13.62
C4 NAG B . -3.08 -12.79 14.51
C5 NAG B . -4.52 -12.70 14.02
C6 NAG B . -5.49 -13.51 14.85
C7 NAG B . -1.05 -8.82 13.39
C8 NAG B . -0.23 -7.95 12.45
N2 NAG B . -1.89 -9.65 12.84
O3 NAG B . -0.85 -11.99 14.06
O4 NAG B . -2.62 -14.16 14.47
O5 NAG B . -4.96 -11.32 14.05
O6 NAG B . -5.45 -14.89 14.49
O7 NAG B . -0.94 -8.73 14.59
H1 NAG B . -4.23 -10.86 12.19
H2 NAG B . -2.66 -10.15 14.73
H3 NAG B . -2.28 -12.30 12.58
H4 NAG B . -3.03 -12.40 15.53
H5 NAG B . -4.57 -13.04 12.97
H61 NAG B . -6.50 -13.12 14.71
H62 NAG B . -5.23 -13.40 15.90
H81 NAG B . -0.08 -8.46 11.49
H82 NAG B . 0.76 -7.75 12.90
H83 NAG B . -0.73 -6.99 12.28
HN2 NAG B . -1.97 -9.70 11.87
HO3 NAG B . -0.28 -12.15 13.30
HO6 NAG B . -6.27 -15.31 14.73
C1 NAG B . -2.32 -14.73 15.71
C2 NAG B . -1.45 -15.96 15.49
C3 NAG B . -1.11 -16.55 16.86
C4 NAG B . -0.38 -15.48 17.65
C5 NAG B . -1.29 -14.26 17.80
C6 NAG B . -0.64 -13.13 18.58
C7 NAG B . -3.32 -17.41 15.10
C8 NAG B . -4.00 -18.43 14.21
N2 NAG B . -2.17 -16.94 14.69
O3 NAG B . -0.29 -17.69 16.69
O4 NAG B . -0.03 -15.99 18.93
O5 NAG B . -1.64 -13.76 16.50
O6 NAG B . -0.09 -13.60 19.80
O7 NAG B . -3.81 -17.04 16.15
H1 NAG B . -3.25 -15.00 16.23
H2 NAG B . -0.53 -15.67 14.99
H3 NAG B . -2.03 -16.81 17.37
H4 NAG B . 0.54 -15.19 17.11
H5 NAG B . -2.22 -14.57 18.30
H61 NAG B . -1.41 -12.37 18.77
H62 NAG B . 0.14 -12.68 17.95
H81 NAG B . -3.30 -19.22 13.91
H82 NAG B . -4.41 -17.95 13.31
H83 NAG B . -4.84 -18.90 14.75
HN2 NAG B . -1.78 -17.25 13.85
HO3 NAG B . 0.42 -17.50 16.08
HO4 NAG B . 0.56 -16.74 18.83
HO6 NAG B . -0.79 -13.97 20.34
N LEU A 1 -6.00 -10.63 7.03
CA LEU A 1 -5.34 -9.62 6.15
C LEU A 1 -4.45 -8.69 6.98
N GLN A 2 -3.25 -9.09 7.25
CA GLN A 2 -2.33 -8.23 8.06
C GLN A 2 -1.56 -7.30 7.13
N CYS A 3 -1.11 -6.19 7.62
CA CYS A 3 -0.35 -5.24 6.76
C CYS A 3 0.55 -4.35 7.62
N TYR A 4 1.51 -3.71 7.00
CA TYR A 4 2.42 -2.81 7.78
C TYR A 4 1.92 -1.36 7.64
N ASN A 5 2.43 -0.47 8.43
CA ASN A 5 1.98 0.95 8.34
C ASN A 5 2.97 1.85 9.07
N CYS A 6 3.42 2.90 8.42
CA CYS A 6 4.38 3.83 9.08
C CYS A 6 3.84 5.27 8.98
N PRO A 7 4.27 6.09 9.89
CA PRO A 7 3.84 7.50 9.94
C PRO A 7 4.59 8.32 8.87
N ASN A 8 5.55 7.72 8.24
CA ASN A 8 6.32 8.44 7.18
C ASN A 8 6.49 7.53 5.98
N PRO A 9 7.10 8.05 4.94
CA PRO A 9 7.34 7.28 3.71
C PRO A 9 8.50 6.30 3.94
N THR A 10 8.20 5.19 4.54
CA THR A 10 9.26 4.18 4.82
C THR A 10 9.32 3.16 3.68
N ALA A 11 10.50 2.75 3.30
CA ALA A 11 10.62 1.76 2.21
C ALA A 11 10.87 0.38 2.83
N ASP A 12 10.38 0.16 4.00
CA ASP A 12 10.58 -1.16 4.68
C ASP A 12 10.07 -1.06 6.12
N CYS A 13 9.02 -0.32 6.35
CA CYS A 13 8.48 -0.20 7.73
C CYS A 13 8.16 -1.59 8.29
N LYS A 14 8.28 -1.77 9.58
CA LYS A 14 7.99 -3.10 10.17
C LYS A 14 6.89 -2.96 11.23
N THR A 15 6.09 -1.94 11.14
CA THR A 15 5.00 -1.76 12.14
C THR A 15 3.82 -2.66 11.77
N ALA A 16 3.90 -3.92 12.09
CA ALA A 16 2.79 -4.86 11.76
C ALA A 16 1.49 -4.33 12.38
N VAL A 17 0.38 -4.51 11.70
CA VAL A 17 -0.91 -4.02 12.24
C VAL A 17 -2.06 -4.61 11.43
N ASN A 18 -3.05 -5.14 12.09
CA ASN A 18 -4.21 -5.72 11.35
C ASN A 18 -4.95 -4.62 10.61
N CYS A 19 -5.27 -4.83 9.36
CA CYS A 19 -5.99 -3.79 8.58
C CYS A 19 -7.37 -3.55 9.21
N SER A 20 -7.68 -2.32 9.52
CA SER A 20 -9.01 -2.02 10.13
C SER A 20 -10.11 -2.50 9.19
N SER A 21 -11.35 -2.33 9.57
CA SER A 21 -12.47 -2.78 8.69
C SER A 21 -12.40 -2.01 7.36
N ASP A 22 -13.03 -2.52 6.35
CA ASP A 22 -13.00 -1.82 5.03
C ASP A 22 -11.60 -1.91 4.44
N PHE A 23 -11.04 -3.09 4.40
CA PHE A 23 -9.66 -3.24 3.83
C PHE A 23 -9.43 -4.70 3.47
N ASP A 24 -9.57 -5.04 2.21
CA ASP A 24 -9.36 -6.47 1.79
C ASP A 24 -8.22 -6.52 0.76
N ALA A 25 -7.42 -5.49 0.69
CA ALA A 25 -6.30 -5.50 -0.29
C ALA A 25 -5.14 -4.65 0.24
N CYS A 26 -4.09 -5.27 0.68
CA CYS A 26 -2.94 -4.47 1.20
C CYS A 26 -2.47 -3.53 0.09
N LEU A 27 -1.90 -2.41 0.44
CA LEU A 27 -1.46 -1.48 -0.62
C LEU A 27 0.04 -1.19 -0.49
N ILE A 28 0.80 -1.57 -1.47
CA ILE A 28 2.26 -1.30 -1.44
C ILE A 28 2.60 -0.34 -2.57
N THR A 29 2.34 0.93 -2.37
CA THR A 29 2.61 1.93 -3.43
C THR A 29 4.09 2.35 -3.39
N LYS A 30 4.62 2.78 -4.49
CA LYS A 30 6.04 3.22 -4.53
C LYS A 30 6.19 4.37 -5.52
N ALA A 31 5.89 5.56 -5.10
CA ALA A 31 6.00 6.73 -6.02
C ALA A 31 7.45 6.90 -6.45
N GLY A 32 7.77 8.00 -7.09
CA GLY A 32 9.17 8.23 -7.54
C GLY A 32 10.14 7.87 -6.41
N LEU A 33 10.16 8.66 -5.37
CA LEU A 33 11.08 8.37 -4.23
C LEU A 33 10.30 8.39 -2.92
N GLN A 34 9.18 7.72 -2.86
CA GLN A 34 8.38 7.71 -1.61
C GLN A 34 7.50 6.46 -1.58
N VAL A 35 7.59 5.69 -0.52
CA VAL A 35 6.76 4.45 -0.42
C VAL A 35 5.55 4.73 0.47
N TYR A 36 4.46 4.05 0.24
CA TYR A 36 3.25 4.30 1.08
C TYR A 36 2.64 2.96 1.50
N ASN A 37 2.89 2.55 2.71
CA ASN A 37 2.31 1.26 3.19
C ASN A 37 1.00 1.54 3.93
N LYS A 38 -0.10 1.15 3.36
CA LYS A 38 -1.41 1.40 4.05
C LYS A 38 -2.44 0.36 3.60
N CYS A 39 -3.44 0.15 4.40
CA CYS A 39 -4.49 -0.84 4.03
C CYS A 39 -5.39 -0.21 2.98
N TRP A 40 -5.65 -0.90 1.90
CA TRP A 40 -6.50 -0.30 0.84
C TRP A 40 -7.48 -1.35 0.30
N LYS A 41 -8.50 -0.92 -0.39
CA LYS A 41 -9.50 -1.89 -0.93
C LYS A 41 -9.06 -2.35 -2.33
N PHE A 42 -9.60 -3.45 -2.80
CA PHE A 42 -9.23 -3.94 -4.16
C PHE A 42 -10.02 -3.15 -5.20
N GLU A 43 -11.22 -2.75 -4.87
CA GLU A 43 -12.04 -1.98 -5.84
C GLU A 43 -11.44 -0.59 -6.01
N HIS A 44 -10.84 -0.06 -4.96
CA HIS A 44 -10.23 1.30 -5.07
C HIS A 44 -8.78 1.15 -5.56
N CYS A 45 -8.41 -0.01 -6.00
CA CYS A 45 -7.01 -0.22 -6.48
C CYS A 45 -6.94 0.08 -7.98
N ASN A 46 -7.35 1.25 -8.38
CA ASN A 46 -7.31 1.60 -9.83
C ASN A 46 -6.50 2.89 -10.03
N PHE A 47 -6.40 3.35 -11.25
CA PHE A 47 -5.62 4.59 -11.51
C PHE A 47 -6.53 5.81 -11.30
N ASN A 48 -7.06 5.96 -10.12
CA ASN A 48 -7.96 7.12 -9.85
C ASN A 48 -8.39 7.08 -8.38
N ASP A 49 -8.59 5.91 -7.85
CA ASP A 49 -9.02 5.80 -6.42
C ASP A 49 -7.80 5.97 -5.51
N VAL A 50 -6.64 5.56 -5.96
CA VAL A 50 -5.42 5.70 -5.12
C VAL A 50 -4.68 6.97 -5.51
N THR A 51 -4.59 7.27 -6.77
CA THR A 51 -3.87 8.50 -7.21
C THR A 51 -4.67 9.74 -6.79
N THR A 52 -5.89 9.56 -6.39
CA THR A 52 -6.72 10.73 -5.98
C THR A 52 -6.78 10.79 -4.46
N ARG A 53 -7.02 9.68 -3.81
CA ARG A 53 -7.09 9.68 -2.32
C ARG A 53 -5.77 10.20 -1.75
N LEU A 54 -4.67 9.79 -2.32
CA LEU A 54 -3.35 10.25 -1.80
C LEU A 54 -2.98 11.57 -2.48
N ARG A 55 -3.76 12.01 -3.43
CA ARG A 55 -3.46 13.29 -4.13
C ARG A 55 -2.16 13.16 -4.92
N GLU A 56 -1.94 12.04 -5.55
CA GLU A 56 -0.69 11.86 -6.35
C GLU A 56 -1.05 11.77 -7.83
N ASN A 57 -0.10 11.43 -8.67
CA ASN A 57 -0.40 11.32 -10.12
C ASN A 57 0.73 10.56 -10.81
N GLU A 58 1.42 9.71 -10.09
CA GLU A 58 2.53 8.94 -10.70
C GLU A 58 3.11 7.97 -9.67
N LEU A 59 2.48 6.83 -9.50
CA LEU A 59 3.00 5.85 -8.50
C LEU A 59 2.63 4.43 -8.94
N THR A 60 3.26 3.44 -8.37
CA THR A 60 2.94 2.04 -8.75
C THR A 60 2.26 1.35 -7.57
N TYR A 61 0.99 1.58 -7.38
CA TYR A 61 0.26 0.95 -6.24
C TYR A 61 0.05 -0.54 -6.53
N TYR A 62 0.72 -1.40 -5.81
CA TYR A 62 0.56 -2.86 -6.05
C TYR A 62 -0.24 -3.45 -4.87
N CYS A 63 -1.51 -3.67 -5.06
CA CYS A 63 -2.34 -4.23 -3.97
C CYS A 63 -2.10 -5.72 -3.83
N CYS A 64 -2.34 -6.28 -2.67
CA CYS A 64 -2.12 -7.73 -2.47
C CYS A 64 -3.23 -8.30 -1.60
N LYS A 65 -3.22 -9.59 -1.34
CA LYS A 65 -4.28 -10.19 -0.50
C LYS A 65 -3.67 -11.31 0.35
N LYS A 66 -2.50 -11.09 0.88
CA LYS A 66 -1.86 -12.15 1.72
C LYS A 66 -1.43 -11.54 3.07
N ASP A 67 -1.09 -12.37 4.01
CA ASP A 67 -0.66 -11.84 5.35
C ASP A 67 0.62 -11.00 5.18
N LEU A 68 0.56 -9.75 5.52
CA LEU A 68 1.77 -8.89 5.40
C LEU A 68 2.36 -9.05 3.99
N CYS A 69 1.54 -8.93 2.98
CA CYS A 69 2.04 -9.09 1.59
C CYS A 69 2.79 -7.82 1.16
N ASN A 70 2.51 -6.72 1.80
CA ASN A 70 3.19 -5.44 1.41
C ASN A 70 4.51 -5.31 2.18
N PHE A 71 5.41 -6.24 2.00
CA PHE A 71 6.72 -6.16 2.71
C PHE A 71 7.74 -5.48 1.80
N ASN A 72 7.27 -4.67 0.90
CA ASN A 72 8.21 -3.96 -0.03
C ASN A 72 9.08 -4.99 -0.75
N GLU A 73 8.49 -5.80 -1.59
CA GLU A 73 9.29 -6.82 -2.33
C GLU A 73 8.37 -7.64 -3.24
N GLN A 74 7.55 -6.97 -4.02
CA GLN A 74 6.63 -7.71 -4.93
C GLN A 74 6.38 -6.86 -6.18
N LEU A 75 7.31 -6.00 -6.52
CA LEU A 75 7.13 -5.15 -7.72
C LEU A 75 8.30 -5.35 -8.69
N GLU A 76 9.50 -5.37 -8.18
CA GLU A 76 10.67 -5.57 -9.07
C GLU A 76 11.64 -6.56 -8.41
N ASN A 77 11.60 -7.80 -8.82
CA ASN A 77 12.50 -8.81 -8.22
C ASN A 77 12.21 -10.18 -8.83
C1 NAG B . -4.05 -9.27 14.54
C2 NAG B . -2.76 -8.99 15.30
C3 NAG B . -2.18 -10.29 15.79
C4 NAG B . -3.20 -10.97 16.69
C5 NAG B . -4.47 -11.20 15.89
C6 NAG B . -5.58 -11.87 16.70
C7 NAG B . -1.09 -7.33 14.90
C8 NAG B . -0.12 -6.67 13.94
N2 NAG B . -1.81 -8.32 14.43
O3 NAG B . -0.97 -10.06 16.51
O4 NAG B . -2.69 -12.22 17.20
O5 NAG B . -5.00 -9.95 15.40
O6 NAG B . -5.56 -13.28 16.53
O7 NAG B . -1.19 -6.96 16.05
H1 NAG B . -3.84 -9.95 13.69
H2 NAG B . -2.99 -8.35 16.16
H3 NAG B . -1.98 -10.95 14.94
H4 NAG B . -3.44 -10.29 17.53
H5 NAG B . -4.24 -11.83 15.02
H61 NAG B . -6.54 -11.46 16.38
H62 NAG B . -5.43 -11.61 17.76
H81 NAG B . 0.39 -5.83 14.42
H82 NAG B . -0.65 -6.30 13.05
H83 NAG B . 0.64 -7.40 13.60
HN2 NAG B . -1.72 -8.60 13.50
HO3 NAG B . -0.89 -9.12 16.68
HO6 NAG B . -4.77 -13.53 16.04
C1 NAG B . -2.08 -12.16 18.43
C2 NAG B . -2.30 -13.47 19.17
C3 NAG B . -1.59 -13.40 20.52
C4 NAG B . -0.11 -13.17 20.25
C5 NAG B . 0.06 -11.86 19.48
C6 NAG B . 1.50 -11.55 19.16
C7 NAG B . -4.43 -12.82 20.04
C8 NAG B . -5.91 -13.12 20.22
N2 NAG B . -3.72 -13.70 19.37
O3 NAG B . -1.78 -14.61 21.23
O4 NAG B . 0.60 -13.10 21.49
O5 NAG B . -0.67 -11.94 18.23
O6 NAG B . 2.07 -10.68 20.13
O7 NAG B . -3.92 -11.83 20.51
H1 NAG B . -2.46 -11.32 19.02
H2 NAG B . -1.87 -14.30 18.59
H3 NAG B . -1.99 -12.55 21.09
H4 NAG B . 0.28 -13.99 19.65
H5 NAG B . -0.38 -11.04 20.06
H61 NAG B . 1.54 -11.07 18.16
H62 NAG B . 2.07 -12.48 19.11
H81 NAG B . -6.46 -12.19 20.39
H82 NAG B . -6.07 -13.80 21.07
H83 NAG B . -6.31 -13.61 19.32
HN2 NAG B . -4.15 -14.49 19.01
HO3 NAG B . -1.79 -15.34 20.62
HO4 NAG B . 0.06 -12.65 22.14
HO6 NAG B . 2.15 -11.15 20.96
N LEU A 1 -6.31 -9.87 6.91
CA LEU A 1 -5.23 -9.32 6.05
C LEU A 1 -4.40 -8.32 6.85
N GLN A 2 -3.14 -8.59 7.05
CA GLN A 2 -2.29 -7.65 7.82
C GLN A 2 -1.42 -6.83 6.87
N CYS A 3 -0.88 -5.75 7.34
CA CYS A 3 -0.03 -4.89 6.47
C CYS A 3 0.97 -4.12 7.34
N TYR A 4 1.68 -3.18 6.76
CA TYR A 4 2.67 -2.40 7.55
C TYR A 4 2.23 -0.94 7.61
N ASN A 5 1.40 -0.58 8.55
CA ASN A 5 0.95 0.83 8.66
C ASN A 5 2.05 1.69 9.26
N CYS A 6 2.32 2.83 8.69
CA CYS A 6 3.39 3.71 9.23
C CYS A 6 2.96 5.18 9.10
N PRO A 7 3.56 6.02 9.89
CA PRO A 7 3.26 7.46 9.89
C PRO A 7 3.95 8.16 8.74
N ASN A 8 4.79 7.45 8.02
CA ASN A 8 5.50 8.09 6.87
C ASN A 8 5.83 7.04 5.81
N PRO A 9 5.93 7.48 4.58
CA PRO A 9 6.25 6.60 3.44
C PRO A 9 7.74 6.28 3.44
N THR A 10 8.14 5.32 4.23
CA THR A 10 9.57 4.95 4.28
C THR A 10 9.82 3.66 3.50
N ALA A 11 11.05 3.32 3.25
CA ALA A 11 11.35 2.07 2.50
C ALA A 11 11.97 1.04 3.45
N ASP A 12 11.55 1.06 4.69
CA ASP A 12 12.10 0.09 5.68
C ASP A 12 11.21 0.07 6.91
N CYS A 13 9.92 0.13 6.71
CA CYS A 13 8.98 0.13 7.87
C CYS A 13 8.76 -1.31 8.35
N LYS A 14 8.44 -1.47 9.61
CA LYS A 14 8.19 -2.83 10.16
C LYS A 14 7.07 -2.76 11.19
N THR A 15 5.99 -2.11 10.86
CA THR A 15 4.87 -1.99 11.82
C THR A 15 3.72 -2.92 11.40
N ALA A 16 3.90 -4.20 11.56
CA ALA A 16 2.82 -5.15 11.17
C ALA A 16 1.56 -4.86 12.00
N VAL A 17 0.42 -4.90 11.38
CA VAL A 17 -0.84 -4.62 12.12
C VAL A 17 -2.03 -5.14 11.32
N ASN A 18 -3.09 -5.56 11.97
CA ASN A 18 -4.27 -6.07 11.22
C ASN A 18 -5.06 -4.89 10.65
N CYS A 19 -5.19 -4.81 9.36
CA CYS A 19 -5.95 -3.67 8.76
C CYS A 19 -7.36 -3.65 9.35
N SER A 20 -7.84 -2.50 9.72
CA SER A 20 -9.21 -2.42 10.31
C SER A 20 -10.25 -2.77 9.25
N SER A 21 -11.50 -2.70 9.59
CA SER A 21 -12.57 -3.03 8.59
C SER A 21 -12.37 -2.19 7.33
N ASP A 22 -13.07 -2.53 6.28
CA ASP A 22 -12.91 -1.75 5.02
C ASP A 22 -11.45 -1.82 4.55
N PHE A 23 -10.86 -2.98 4.62
CA PHE A 23 -9.44 -3.12 4.18
C PHE A 23 -9.14 -4.59 3.88
N ASP A 24 -9.39 -5.03 2.68
CA ASP A 24 -9.12 -6.45 2.34
C ASP A 24 -8.00 -6.52 1.30
N ALA A 25 -7.59 -5.40 0.77
CA ALA A 25 -6.51 -5.41 -0.25
C ALA A 25 -5.35 -4.54 0.23
N CYS A 26 -4.26 -5.15 0.64
CA CYS A 26 -3.10 -4.34 1.11
C CYS A 26 -2.66 -3.42 -0.04
N LEU A 27 -2.09 -2.30 0.27
CA LEU A 27 -1.67 -1.39 -0.82
C LEU A 27 -0.19 -1.03 -0.66
N ILE A 28 0.60 -1.35 -1.65
CA ILE A 28 2.04 -1.01 -1.60
C ILE A 28 2.36 -0.09 -2.77
N THR A 29 2.26 1.19 -2.57
CA THR A 29 2.54 2.15 -3.68
C THR A 29 4.01 2.57 -3.64
N LYS A 30 4.56 2.95 -4.75
CA LYS A 30 5.99 3.39 -4.78
C LYS A 30 6.13 4.58 -5.71
N ALA A 31 6.10 5.77 -5.18
CA ALA A 31 6.24 6.99 -6.03
C ALA A 31 7.64 7.57 -5.89
N GLY A 32 8.51 7.28 -6.81
CA GLY A 32 9.90 7.83 -6.74
C GLY A 32 10.77 6.91 -5.88
N LEU A 33 11.28 7.41 -4.79
CA LEU A 33 12.14 6.57 -3.91
C LEU A 33 11.45 6.39 -2.55
N GLN A 34 10.15 6.47 -2.52
CA GLN A 34 9.43 6.29 -1.23
C GLN A 34 8.52 5.07 -1.32
N VAL A 35 7.85 4.74 -0.24
CA VAL A 35 6.95 3.55 -0.28
C VAL A 35 5.74 3.80 0.63
N TYR A 36 4.57 3.84 0.06
CA TYR A 36 3.35 4.09 0.89
C TYR A 36 2.74 2.75 1.32
N ASN A 37 2.95 2.35 2.54
CA ASN A 37 2.38 1.06 3.02
C ASN A 37 1.09 1.34 3.81
N LYS A 38 -0.04 1.17 3.18
CA LYS A 38 -1.33 1.44 3.89
C LYS A 38 -2.37 0.41 3.47
N CYS A 39 -3.39 0.26 4.27
CA CYS A 39 -4.47 -0.71 3.92
C CYS A 39 -5.40 -0.07 2.89
N TRP A 40 -5.80 -0.81 1.89
CA TRP A 40 -6.68 -0.21 0.86
C TRP A 40 -7.76 -1.21 0.44
N LYS A 41 -8.86 -0.73 -0.07
CA LYS A 41 -9.94 -1.66 -0.49
C LYS A 41 -9.66 -2.15 -1.91
N PHE A 42 -10.25 -3.25 -2.30
CA PHE A 42 -10.01 -3.78 -3.66
C PHE A 42 -10.87 -3.00 -4.65
N GLU A 43 -12.00 -2.50 -4.20
CA GLU A 43 -12.89 -1.73 -5.12
C GLU A 43 -12.19 -0.43 -5.51
N HIS A 44 -11.42 0.14 -4.62
CA HIS A 44 -10.72 1.40 -4.95
C HIS A 44 -9.30 1.06 -5.43
N CYS A 45 -9.09 -0.16 -5.81
CA CYS A 45 -7.74 -0.56 -6.30
C CYS A 45 -7.67 -0.35 -7.82
N ASN A 46 -7.39 0.84 -8.25
CA ASN A 46 -7.33 1.11 -9.71
C ASN A 46 -6.34 2.24 -10.01
N PHE A 47 -6.29 2.71 -11.22
CA PHE A 47 -5.35 3.81 -11.57
C PHE A 47 -6.06 5.15 -11.42
N ASN A 48 -6.72 5.37 -10.31
CA ASN A 48 -7.45 6.66 -10.12
C ASN A 48 -8.01 6.71 -8.70
N ASP A 49 -8.46 5.59 -8.19
CA ASP A 49 -9.03 5.58 -6.80
C ASP A 49 -7.89 5.72 -5.80
N VAL A 50 -6.68 5.50 -6.21
CA VAL A 50 -5.52 5.62 -5.28
C VAL A 50 -4.73 6.88 -5.62
N THR A 51 -4.55 7.14 -6.89
CA THR A 51 -3.77 8.36 -7.29
C THR A 51 -4.59 9.61 -6.94
N THR A 52 -5.81 9.43 -6.52
CA THR A 52 -6.65 10.61 -6.17
C THR A 52 -6.82 10.69 -4.65
N ARG A 53 -7.12 9.58 -4.02
CA ARG A 53 -7.29 9.58 -2.54
C ARG A 53 -5.99 10.06 -1.89
N LEU A 54 -4.87 9.60 -2.39
CA LEU A 54 -3.58 10.02 -1.80
C LEU A 54 -3.14 11.34 -2.43
N ARG A 55 -3.83 11.77 -3.46
CA ARG A 55 -3.44 13.06 -4.11
C ARG A 55 -2.10 12.90 -4.80
N GLU A 56 -1.86 11.77 -5.42
CA GLU A 56 -0.57 11.55 -6.12
C GLU A 56 -0.83 11.08 -7.55
N ASN A 57 0.00 11.47 -8.48
CA ASN A 57 -0.20 11.05 -9.89
C ASN A 57 0.78 9.91 -10.24
N GLU A 58 2.02 10.26 -10.49
CA GLU A 58 3.02 9.21 -10.83
C GLU A 58 3.25 8.31 -9.61
N LEU A 59 2.90 7.06 -9.71
CA LEU A 59 3.09 6.13 -8.56
C LEU A 59 2.61 4.73 -8.95
N THR A 60 3.31 3.72 -8.52
CA THR A 60 2.89 2.32 -8.85
C THR A 60 2.16 1.71 -7.66
N TYR A 61 0.85 1.69 -7.70
CA TYR A 61 0.08 1.11 -6.56
C TYR A 61 -0.17 -0.38 -6.82
N TYR A 62 0.26 -1.23 -5.93
CA TYR A 62 0.03 -2.68 -6.13
C TYR A 62 -0.82 -3.24 -4.99
N CYS A 63 -2.05 -3.58 -5.26
CA CYS A 63 -2.92 -4.13 -4.19
C CYS A 63 -2.61 -5.61 -3.98
N CYS A 64 -2.86 -6.13 -2.81
CA CYS A 64 -2.56 -7.56 -2.55
C CYS A 64 -3.62 -8.15 -1.62
N LYS A 65 -3.68 -9.46 -1.54
CA LYS A 65 -4.69 -10.10 -0.65
C LYS A 65 -4.02 -11.15 0.23
N LYS A 66 -2.82 -10.88 0.68
CA LYS A 66 -2.10 -11.86 1.53
C LYS A 66 -1.68 -11.20 2.84
N ASP A 67 -1.24 -11.97 3.80
CA ASP A 67 -0.81 -11.38 5.10
C ASP A 67 0.55 -10.70 4.93
N LEU A 68 0.59 -9.41 5.08
CA LEU A 68 1.88 -8.68 4.93
C LEU A 68 2.39 -8.83 3.50
N CYS A 69 1.61 -8.42 2.54
CA CYS A 69 2.05 -8.53 1.12
C CYS A 69 2.53 -7.17 0.63
N ASN A 70 2.88 -6.29 1.54
CA ASN A 70 3.37 -4.94 1.13
C ASN A 70 4.77 -4.71 1.68
N PHE A 71 5.59 -5.72 1.70
CA PHE A 71 6.97 -5.54 2.23
C PHE A 71 7.84 -4.87 1.15
N ASN A 72 9.13 -4.85 1.33
CA ASN A 72 10.01 -4.22 0.31
C ASN A 72 10.49 -5.27 -0.70
N GLU A 73 9.58 -5.83 -1.44
CA GLU A 73 9.98 -6.86 -2.45
C GLU A 73 8.74 -7.35 -3.20
N GLN A 74 7.92 -6.44 -3.67
CA GLN A 74 6.70 -6.86 -4.41
C GLN A 74 6.35 -5.79 -5.46
N LEU A 75 7.28 -5.46 -6.30
CA LEU A 75 7.02 -4.43 -7.34
C LEU A 75 8.12 -4.48 -8.40
N GLU A 76 9.36 -4.38 -7.98
CA GLU A 76 10.48 -4.42 -8.96
C GLU A 76 11.60 -5.31 -8.40
N ASN A 77 11.24 -6.34 -7.68
CA ASN A 77 12.28 -7.23 -7.10
C ASN A 77 11.62 -8.38 -6.33
C1 NAG B . -2.53 -8.31 14.44
C2 NAG B . -1.04 -8.06 14.24
C3 NAG B . -0.30 -8.58 15.47
C4 NAG B . -0.81 -7.84 16.69
C5 NAG B . -2.31 -8.09 16.81
C6 NAG B . -2.94 -7.37 17.99
C7 NAG B . 0.47 -8.29 12.41
C8 NAG B . 0.92 -9.03 11.17
N2 NAG B . -0.57 -8.75 13.05
O3 NAG B . 1.10 -8.37 15.31
O4 NAG B . -0.14 -8.31 17.86
O5 NAG B . -2.99 -7.62 15.62
O6 NAG B . -4.33 -7.18 17.81
O7 NAG B . 1.07 -7.31 12.81
H1 NAG B . -2.72 -9.38 14.60
H2 NAG B . -0.86 -6.98 14.15
H3 NAG B . -0.50 -9.66 15.58
H4 NAG B . -0.64 -6.77 16.55
H5 NAG B . -2.49 -9.17 16.91
H61 NAG B . -2.44 -6.40 18.11
H62 NAG B . -2.74 -7.96 18.90
H81 NAG B . 0.31 -9.94 11.03
H82 NAG B . 1.97 -9.34 11.26
H83 NAG B . 0.81 -8.39 10.28
HN2 NAG B . -1.03 -9.54 12.73
HO3 NAG B . 1.25 -7.51 14.91
HO6 NAG B . -4.61 -7.63 17.02
C1 NAG B . 0.82 -7.46 18.40
C2 NAG B . 1.53 -8.14 19.56
C3 NAG B . 2.59 -7.19 20.11
C4 NAG B . 3.56 -6.88 18.98
C5 NAG B . 2.79 -6.24 17.83
C6 NAG B . 3.68 -5.90 16.64
C7 NAG B . 0.62 -9.64 21.18
C8 NAG B . -0.40 -9.93 22.26
N2 NAG B . 0.57 -8.47 20.60
O3 NAG B . 3.28 -7.80 21.19
O4 NAG B . 4.57 -6.01 19.44
O5 NAG B . 1.76 -7.14 17.36
O6 NAG B . 3.15 -4.82 15.89
O7 NAG B . 1.45 -10.47 20.85
H1 NAG B . 0.35 -6.53 18.73
H2 NAG B . 2.02 -9.05 19.20
H3 NAG B . 2.11 -6.26 20.43
H4 NAG B . 4.01 -7.83 18.62
H5 NAG B . 2.31 -5.32 18.18
H61 NAG B . 3.77 -6.79 16.01
H62 NAG B . 4.68 -5.65 17.01
H81 NAG B . -0.49 -11.02 22.43
H82 NAG B . -1.39 -9.55 21.97
H83 NAG B . -0.10 -9.46 23.21
HN2 NAG B . -0.10 -7.82 20.88
HO3 NAG B . 2.88 -7.52 22.02
HO4 NAG B . 5.42 -6.47 19.47
HO6 NAG B . 3.64 -4.73 15.07
N LEU A 1 -6.01 -10.99 7.73
CA LEU A 1 -4.95 -10.47 6.83
C LEU A 1 -4.14 -9.40 7.58
N GLN A 2 -2.88 -9.27 7.27
CA GLN A 2 -2.04 -8.25 7.96
C GLN A 2 -1.40 -7.32 6.93
N CYS A 3 -1.07 -6.13 7.32
CA CYS A 3 -0.44 -5.18 6.37
C CYS A 3 0.43 -4.17 7.12
N TYR A 4 1.49 -3.72 6.52
CA TYR A 4 2.37 -2.73 7.21
C TYR A 4 1.71 -1.35 7.17
N ASN A 5 1.70 -0.65 8.27
CA ASN A 5 1.06 0.70 8.28
C ASN A 5 2.06 1.74 8.81
N CYS A 6 2.37 2.73 8.03
CA CYS A 6 3.31 3.79 8.48
C CYS A 6 2.72 5.16 8.15
N PRO A 7 2.88 6.09 9.06
CA PRO A 7 2.38 7.47 8.88
C PRO A 7 3.28 8.27 7.95
N ASN A 8 4.43 7.73 7.60
CA ASN A 8 5.35 8.48 6.69
C ASN A 8 5.86 7.53 5.60
N PRO A 9 6.39 8.10 4.56
CA PRO A 9 6.93 7.35 3.42
C PRO A 9 8.30 6.76 3.77
N THR A 10 8.31 5.67 4.46
CA THR A 10 9.61 5.04 4.85
C THR A 10 9.91 3.90 3.87
N ALA A 11 11.08 3.31 3.99
CA ALA A 11 11.44 2.19 3.08
C ALA A 11 10.96 0.87 3.66
N ASP A 12 9.68 0.60 3.56
CA ASP A 12 9.14 -0.67 4.12
C ASP A 12 9.02 -0.54 5.65
N CYS A 13 8.16 0.33 6.10
CA CYS A 13 7.98 0.51 7.57
C CYS A 13 7.97 -0.85 8.26
N LYS A 14 8.31 -0.89 9.53
CA LYS A 14 8.30 -2.19 10.26
C LYS A 14 7.18 -2.17 11.30
N THR A 15 6.16 -1.40 11.07
CA THR A 15 5.03 -1.35 12.05
C THR A 15 4.29 -2.68 12.04
N ALA A 16 4.12 -3.27 10.89
CA ALA A 16 3.41 -4.58 10.81
C ALA A 16 2.17 -4.56 11.70
N VAL A 17 1.07 -4.08 11.19
CA VAL A 17 -0.18 -4.04 12.00
C VAL A 17 -1.28 -4.80 11.25
N ASN A 18 -2.19 -5.40 11.96
CA ASN A 18 -3.28 -6.16 11.26
C ASN A 18 -4.50 -5.25 11.08
N CYS A 19 -4.87 -4.98 9.85
CA CYS A 19 -6.05 -4.11 9.62
C CYS A 19 -7.31 -4.81 10.14
N SER A 20 -7.99 -4.21 11.08
CA SER A 20 -9.23 -4.84 11.62
C SER A 20 -10.33 -3.80 11.72
N SER A 21 -10.88 -3.40 10.60
CA SER A 21 -11.97 -2.39 10.62
C SER A 21 -12.52 -2.21 9.21
N ASP A 22 -11.67 -2.00 8.25
CA ASP A 22 -12.15 -1.82 6.85
C ASP A 22 -10.96 -1.55 5.92
N PHE A 23 -10.53 -2.53 5.20
CA PHE A 23 -9.38 -2.34 4.26
C PHE A 23 -9.53 -3.30 3.08
N ASP A 24 -9.96 -4.51 3.34
CA ASP A 24 -10.15 -5.50 2.23
C ASP A 24 -8.79 -5.88 1.63
N ALA A 25 -8.33 -5.14 0.66
CA ALA A 25 -7.03 -5.48 0.01
C ALA A 25 -5.88 -4.74 0.71
N CYS A 26 -4.67 -5.03 0.31
CA CYS A 26 -3.49 -4.35 0.89
C CYS A 26 -2.93 -3.42 -0.17
N LEU A 27 -2.29 -2.36 0.19
CA LEU A 27 -1.77 -1.44 -0.86
C LEU A 27 -0.28 -1.16 -0.66
N ILE A 28 0.45 -1.23 -1.73
CA ILE A 28 1.92 -0.95 -1.67
C ILE A 28 2.26 -0.02 -2.83
N THR A 29 2.21 1.27 -2.61
CA THR A 29 2.50 2.23 -3.70
C THR A 29 3.98 2.63 -3.66
N LYS A 30 4.56 2.91 -4.79
CA LYS A 30 5.99 3.32 -4.82
C LYS A 30 6.15 4.59 -5.65
N ALA A 31 6.49 5.68 -5.02
CA ALA A 31 6.66 6.95 -5.78
C ALA A 31 8.09 7.47 -5.58
N GLY A 32 9.05 6.85 -6.21
CA GLY A 32 10.46 7.32 -6.06
C GLY A 32 11.08 6.65 -4.84
N LEU A 33 11.56 7.43 -3.90
CA LEU A 33 12.18 6.83 -2.68
C LEU A 33 11.17 6.87 -1.53
N GLN A 34 10.01 7.42 -1.76
CA GLN A 34 8.99 7.50 -0.67
C GLN A 34 7.94 6.40 -0.89
N VAL A 35 8.06 5.31 -0.19
CA VAL A 35 7.08 4.19 -0.35
C VAL A 35 5.79 4.55 0.39
N TYR A 36 4.74 3.82 0.15
CA TYR A 36 3.44 4.12 0.84
C TYR A 36 2.79 2.81 1.31
N ASN A 37 3.07 2.40 2.51
CA ASN A 37 2.46 1.14 3.02
C ASN A 37 1.15 1.47 3.73
N LYS A 38 0.04 1.07 3.19
CA LYS A 38 -1.27 1.37 3.83
C LYS A 38 -2.33 0.36 3.38
N CYS A 39 -3.35 0.18 4.17
CA CYS A 39 -4.43 -0.77 3.79
C CYS A 39 -5.30 -0.12 2.71
N TRP A 40 -5.86 -0.90 1.83
CA TRP A 40 -6.68 -0.31 0.74
C TRP A 40 -7.70 -1.33 0.24
N LYS A 41 -8.75 -0.89 -0.40
CA LYS A 41 -9.76 -1.85 -0.92
C LYS A 41 -9.35 -2.32 -2.31
N PHE A 42 -9.80 -3.47 -2.72
CA PHE A 42 -9.42 -3.98 -4.06
C PHE A 42 -10.31 -3.32 -5.11
N GLU A 43 -11.38 -2.70 -4.69
CA GLU A 43 -12.27 -2.02 -5.66
C GLU A 43 -11.76 -0.59 -5.88
N HIS A 44 -10.96 -0.09 -4.98
CA HIS A 44 -10.43 1.28 -5.13
C HIS A 44 -9.01 1.22 -5.69
N CYS A 45 -8.58 0.06 -6.12
CA CYS A 45 -7.21 -0.07 -6.69
C CYS A 45 -7.29 -0.07 -8.22
N ASN A 46 -7.50 1.07 -8.83
CA ASN A 46 -7.60 1.11 -10.31
C ASN A 46 -6.70 2.23 -10.86
N PHE A 47 -5.57 2.45 -10.27
CA PHE A 47 -4.67 3.53 -10.77
C PHE A 47 -5.45 4.85 -10.85
N ASN A 48 -6.55 4.93 -10.16
CA ASN A 48 -7.35 6.19 -10.17
C ASN A 48 -7.90 6.44 -8.77
N ASP A 49 -8.46 5.43 -8.16
CA ASP A 49 -9.00 5.59 -6.78
C ASP A 49 -7.83 5.73 -5.81
N VAL A 50 -6.63 5.45 -6.27
CA VAL A 50 -5.44 5.56 -5.38
C VAL A 50 -4.60 6.77 -5.78
N THR A 51 -4.45 6.99 -7.06
CA THR A 51 -3.65 8.17 -7.52
C THR A 51 -4.36 9.46 -7.13
N THR A 52 -5.66 9.39 -6.94
CA THR A 52 -6.42 10.61 -6.57
C THR A 52 -6.60 10.65 -5.05
N ARG A 53 -6.87 9.53 -4.45
CA ARG A 53 -7.06 9.50 -2.97
C ARG A 53 -5.77 9.97 -2.31
N LEU A 54 -4.64 9.63 -2.87
CA LEU A 54 -3.35 10.06 -2.28
C LEU A 54 -2.92 11.39 -2.90
N ARG A 55 -3.58 11.81 -3.94
CA ARG A 55 -3.21 13.10 -4.59
C ARG A 55 -1.81 12.98 -5.22
N GLU A 56 -1.51 11.83 -5.78
CA GLU A 56 -0.17 11.65 -6.41
C GLU A 56 -0.35 11.29 -7.88
N ASN A 57 0.61 11.61 -8.71
CA ASN A 57 0.49 11.28 -10.16
C ASN A 57 1.64 10.38 -10.58
N GLU A 58 2.79 10.57 -9.99
CA GLU A 58 3.96 9.72 -10.35
C GLU A 58 4.19 8.66 -9.27
N LEU A 59 3.35 7.66 -9.23
CA LEU A 59 3.51 6.60 -8.19
C LEU A 59 2.75 5.34 -8.62
N THR A 60 3.32 4.20 -8.36
CA THR A 60 2.63 2.93 -8.75
C THR A 60 1.73 2.47 -7.61
N TYR A 61 0.93 1.46 -7.84
CA TYR A 61 0.02 0.97 -6.76
C TYR A 61 -0.25 -0.52 -6.96
N TYR A 62 0.19 -1.34 -6.05
CA TYR A 62 -0.05 -2.80 -6.19
C TYR A 62 -0.95 -3.29 -5.05
N CYS A 63 -2.13 -3.76 -5.36
CA CYS A 63 -3.04 -4.24 -4.30
C CYS A 63 -2.85 -5.75 -4.11
N CYS A 64 -2.57 -6.18 -2.91
CA CYS A 64 -2.38 -7.64 -2.67
C CYS A 64 -3.49 -8.16 -1.75
N LYS A 65 -3.36 -9.36 -1.26
CA LYS A 65 -4.40 -9.92 -0.35
C LYS A 65 -3.82 -11.06 0.47
N LYS A 66 -2.59 -10.93 0.88
CA LYS A 66 -1.95 -12.01 1.69
C LYS A 66 -1.44 -11.43 3.02
N ASP A 67 -0.90 -12.25 3.87
CA ASP A 67 -0.39 -11.75 5.17
C ASP A 67 0.92 -10.99 4.94
N LEU A 68 0.89 -9.69 4.97
CA LEU A 68 2.13 -8.91 4.74
C LEU A 68 2.63 -9.12 3.32
N CYS A 69 1.80 -8.88 2.35
CA CYS A 69 2.22 -9.07 0.93
C CYS A 69 2.67 -7.73 0.35
N ASN A 70 2.54 -6.67 1.10
CA ASN A 70 2.96 -5.33 0.60
C ASN A 70 4.35 -4.99 1.13
N PHE A 71 5.13 -5.98 1.48
CA PHE A 71 6.50 -5.70 2.01
C PHE A 71 7.37 -5.08 0.90
N ASN A 72 8.66 -5.07 1.08
CA ASN A 72 9.54 -4.47 0.04
C ASN A 72 9.92 -5.55 -0.99
N GLU A 73 8.95 -6.22 -1.55
CA GLU A 73 9.26 -7.28 -2.55
C GLU A 73 8.00 -7.64 -3.33
N GLN A 74 7.39 -6.67 -3.97
CA GLN A 74 6.15 -6.97 -4.74
C GLN A 74 5.94 -5.88 -5.80
N LEU A 75 6.82 -5.79 -6.76
CA LEU A 75 6.66 -4.75 -7.81
C LEU A 75 7.80 -4.87 -8.83
N GLU A 76 9.02 -4.86 -8.37
CA GLU A 76 10.18 -4.95 -9.31
C GLU A 76 10.51 -6.43 -9.55
N ASN A 77 11.40 -6.70 -10.48
CA ASN A 77 11.76 -8.12 -10.78
C ASN A 77 13.29 -8.25 -10.78
C1 NAG B . -0.80 -7.67 14.49
C2 NAG B . 0.62 -7.18 14.21
C3 NAG B . 1.43 -7.30 15.50
C4 NAG B . 0.75 -6.46 16.56
C5 NAG B . -0.67 -6.97 16.77
C6 NAG B . -1.44 -6.19 17.82
C7 NAG B . 1.14 -7.58 11.91
C8 NAG B . 1.80 -8.44 10.86
N2 NAG B . 1.22 -7.97 13.15
O3 NAG B . 2.75 -6.85 15.27
O4 NAG B . 1.50 -6.55 17.80
O5 NAG B . -1.41 -6.89 15.53
O6 NAG B . -0.88 -4.91 18.01
O7 NAG B . 0.55 -6.56 11.62
H1 NAG B . -0.78 -8.72 14.83
H2 NAG B . 0.58 -6.13 13.91
H3 NAG B . 1.43 -8.36 15.81
H4 NAG B . 0.71 -5.42 16.22
H5 NAG B . -0.63 -8.04 17.06
H61 NAG B . -1.42 -6.76 18.76
H62 NAG B . -2.48 -6.11 17.50
H81 NAG B . 2.89 -8.28 10.87
H82 NAG B . 1.41 -8.20 9.86
H83 NAG B . 1.61 -9.51 11.07
HN2 NAG B . 1.70 -8.80 13.38
HO3 NAG B . 3.37 -7.41 15.76
HO6 NAG B . -1.56 -4.31 18.32
C1 NAG B . 2.13 -5.39 18.20
C2 NAG B . 3.01 -5.68 19.41
C3 NAG B . 3.72 -4.39 19.82
C4 NAG B . 4.54 -3.92 18.63
C5 NAG B . 3.61 -3.67 17.44
C6 NAG B . 4.33 -3.21 16.20
C7 NAG B . 1.25 -5.43 21.01
C8 NAG B . 0.45 -6.02 22.16
N2 NAG B . 2.21 -6.18 20.51
O3 NAG B . 4.55 -4.63 20.94
O4 NAG B . 5.23 -2.72 18.97
O5 NAG B . 2.92 -4.90 17.10
O6 NAG B . 3.84 -1.95 15.75
O7 NAG B . 1.03 -4.33 20.57
H1 NAG B . 1.38 -4.62 18.44
H2 NAG B . 3.77 -6.43 19.13
H3 NAG B . 2.96 -3.63 20.05
H4 NAG B . 5.26 -4.70 18.36
H5 NAG B . 2.85 -2.93 17.72
H61 NAG B . 4.22 -3.97 15.41
H62 NAG B . 5.42 -3.13 16.43
H81 NAG B . -0.27 -5.27 22.54
H82 NAG B . 1.12 -6.30 22.99
H83 NAG B . -0.10 -6.90 21.84
HN2 NAG B . 2.38 -7.07 20.87
HO3 NAG B . 4.45 -3.91 21.57
HO4 NAG B . 4.60 -2.09 19.31
HO6 NAG B . 3.04 -2.10 15.24
N LEU A 1 -6.60 -10.47 6.97
CA LEU A 1 -5.87 -9.66 5.96
C LEU A 1 -5.14 -8.51 6.65
N GLN A 2 -3.94 -8.74 7.11
CA GLN A 2 -3.17 -7.66 7.79
C GLN A 2 -2.30 -6.95 6.76
N CYS A 3 -1.96 -5.72 7.01
CA CYS A 3 -1.09 -4.97 6.05
C CYS A 3 -0.09 -4.13 6.82
N TYR A 4 0.86 -3.55 6.14
CA TYR A 4 1.88 -2.72 6.84
C TYR A 4 1.38 -1.28 6.96
N ASN A 5 1.46 -0.70 8.13
CA ASN A 5 0.98 0.70 8.29
C ASN A 5 2.10 1.56 8.88
N CYS A 6 2.04 2.84 8.65
CA CYS A 6 3.11 3.74 9.20
C CYS A 6 2.59 5.18 9.22
N PRO A 7 3.14 5.97 10.10
CA PRO A 7 2.75 7.38 10.25
C PRO A 7 3.41 8.23 9.16
N ASN A 8 4.35 7.66 8.46
CA ASN A 8 5.03 8.42 7.37
C ASN A 8 5.43 7.45 6.25
N PRO A 9 5.46 7.97 5.05
CA PRO A 9 5.81 7.18 3.86
C PRO A 9 7.32 6.97 3.79
N THR A 10 7.81 6.01 4.51
CA THR A 10 9.28 5.74 4.51
C THR A 10 9.56 4.52 3.63
N ALA A 11 10.79 4.34 3.22
CA ALA A 11 11.13 3.18 2.37
C ALA A 11 11.66 2.04 3.23
N ASP A 12 11.10 1.86 4.40
CA ASP A 12 11.58 0.76 5.30
C ASP A 12 10.59 0.58 6.45
N CYS A 13 9.33 0.77 6.19
CA CYS A 13 8.31 0.61 7.27
C CYS A 13 8.05 -0.88 7.51
N LYS A 14 8.43 -1.38 8.65
CA LYS A 14 8.21 -2.83 8.94
C LYS A 14 7.19 -2.96 10.08
N THR A 15 6.45 -1.92 10.34
CA THR A 15 5.44 -1.98 11.43
C THR A 15 4.20 -2.73 10.94
N ALA A 16 4.23 -4.03 10.98
CA ALA A 16 3.05 -4.81 10.52
C ALA A 16 1.86 -4.55 11.44
N VAL A 17 0.67 -4.71 10.95
CA VAL A 17 -0.53 -4.46 11.80
C VAL A 17 -1.80 -4.77 11.01
N ASN A 18 -2.85 -5.16 11.67
CA ASN A 18 -4.12 -5.47 10.94
C ASN A 18 -4.92 -4.17 10.81
N CYS A 19 -5.12 -3.70 9.61
CA CYS A 19 -5.90 -2.45 9.42
C CYS A 19 -7.33 -2.63 9.93
N SER A 20 -8.02 -1.57 10.21
CA SER A 20 -9.41 -1.68 10.72
C SER A 20 -10.24 -2.51 9.74
N SER A 21 -11.52 -2.61 9.98
CA SER A 21 -12.39 -3.40 9.06
C SER A 21 -12.47 -2.71 7.70
N ASP A 22 -13.13 -3.32 6.76
CA ASP A 22 -13.24 -2.69 5.40
C ASP A 22 -11.85 -2.58 4.78
N PHE A 23 -11.01 -3.56 5.00
CA PHE A 23 -9.64 -3.52 4.41
C PHE A 23 -9.14 -4.94 4.19
N ASP A 24 -9.12 -5.39 2.96
CA ASP A 24 -8.64 -6.77 2.68
C ASP A 24 -7.66 -6.76 1.52
N ALA A 25 -7.21 -5.60 1.12
CA ALA A 25 -6.25 -5.54 -0.02
C ALA A 25 -5.04 -4.71 0.39
N CYS A 26 -4.01 -5.34 0.91
CA CYS A 26 -2.81 -4.57 1.33
C CYS A 26 -2.34 -3.76 0.12
N LEU A 27 -1.83 -2.58 0.35
CA LEU A 27 -1.38 -1.76 -0.81
C LEU A 27 0.10 -1.41 -0.69
N ILE A 28 0.84 -1.61 -1.74
CA ILE A 28 2.28 -1.28 -1.72
C ILE A 28 2.59 -0.35 -2.90
N THR A 29 2.61 0.93 -2.66
CA THR A 29 2.88 1.89 -3.77
C THR A 29 4.33 2.38 -3.69
N LYS A 30 4.90 2.74 -4.82
CA LYS A 30 6.30 3.23 -4.81
C LYS A 30 6.42 4.44 -5.75
N ALA A 31 6.18 5.61 -5.23
CA ALA A 31 6.27 6.83 -6.09
C ALA A 31 7.72 7.29 -6.17
N GLY A 32 8.55 6.57 -6.87
CA GLY A 32 9.98 6.98 -6.98
C GLY A 32 10.80 6.24 -5.92
N LEU A 33 10.93 6.82 -4.76
CA LEU A 33 11.72 6.16 -3.68
C LEU A 33 10.86 6.02 -2.42
N GLN A 34 9.85 6.83 -2.28
CA GLN A 34 8.99 6.73 -1.07
C GLN A 34 8.02 5.56 -1.22
N VAL A 35 8.04 4.63 -0.30
CA VAL A 35 7.12 3.47 -0.39
C VAL A 35 5.90 3.72 0.49
N TYR A 36 4.77 3.94 -0.11
CA TYR A 36 3.54 4.20 0.69
C TYR A 36 2.92 2.88 1.15
N ASN A 37 3.35 2.38 2.29
CA ASN A 37 2.81 1.10 2.79
C ASN A 37 1.52 1.37 3.58
N LYS A 38 0.40 0.96 3.05
CA LYS A 38 -0.88 1.20 3.76
C LYS A 38 -1.93 0.20 3.27
N CYS A 39 -2.91 -0.09 4.07
CA CYS A 39 -3.97 -1.05 3.64
C CYS A 39 -4.89 -0.37 2.64
N TRP A 40 -5.48 -1.12 1.75
CA TRP A 40 -6.37 -0.50 0.73
C TRP A 40 -7.44 -1.50 0.30
N LYS A 41 -8.49 -1.04 -0.31
CA LYS A 41 -9.57 -1.96 -0.76
C LYS A 41 -9.31 -2.40 -2.20
N PHE A 42 -9.94 -3.45 -2.64
CA PHE A 42 -9.74 -3.91 -4.03
C PHE A 42 -10.59 -3.08 -4.98
N GLU A 43 -11.72 -2.62 -4.51
CA GLU A 43 -12.60 -1.78 -5.37
C GLU A 43 -11.93 -0.43 -5.62
N HIS A 44 -11.16 0.04 -4.68
CA HIS A 44 -10.49 1.35 -4.87
C HIS A 44 -9.06 1.13 -5.34
N CYS A 45 -8.77 -0.03 -5.88
CA CYS A 45 -7.39 -0.32 -6.35
C CYS A 45 -7.30 -0.04 -7.85
N ASN A 46 -7.54 1.17 -8.26
CA ASN A 46 -7.47 1.50 -9.72
C ASN A 46 -6.57 2.73 -9.92
N PHE A 47 -6.43 3.17 -11.14
CA PHE A 47 -5.58 4.36 -11.39
C PHE A 47 -6.41 5.63 -11.21
N ASN A 48 -7.01 5.79 -10.07
CA ASN A 48 -7.84 6.99 -9.82
C ASN A 48 -8.26 7.02 -8.34
N ASP A 49 -8.56 5.87 -7.79
CA ASP A 49 -8.98 5.82 -6.36
C ASP A 49 -7.74 5.88 -5.48
N VAL A 50 -6.58 5.67 -6.05
CA VAL A 50 -5.33 5.71 -5.24
C VAL A 50 -4.54 6.98 -5.61
N THR A 51 -4.45 7.28 -6.88
CA THR A 51 -3.70 8.50 -7.30
C THR A 51 -4.42 9.74 -6.77
N THR A 52 -5.66 9.59 -6.39
CA THR A 52 -6.43 10.75 -5.86
C THR A 52 -6.44 10.68 -4.33
N ARG A 53 -6.71 9.53 -3.79
CA ARG A 53 -6.74 9.40 -2.30
C ARG A 53 -5.38 9.85 -1.76
N LEU A 54 -4.34 9.67 -2.52
CA LEU A 54 -2.99 10.08 -2.05
C LEU A 54 -2.69 11.50 -2.57
N ARG A 55 -3.38 11.93 -3.58
CA ARG A 55 -3.14 13.30 -4.12
C ARG A 55 -1.80 13.33 -4.88
N GLU A 56 -1.54 12.34 -5.68
CA GLU A 56 -0.26 12.32 -6.44
C GLU A 56 -0.51 11.73 -7.84
N ASN A 57 0.44 11.84 -8.72
CA ASN A 57 0.25 11.28 -10.09
C ASN A 57 1.35 10.25 -10.38
N GLU A 58 2.58 10.67 -10.38
CA GLU A 58 3.69 9.72 -10.66
C GLU A 58 3.82 8.72 -9.52
N LEU A 59 3.07 7.66 -9.56
CA LEU A 59 3.15 6.64 -8.47
C LEU A 59 2.43 5.37 -8.90
N THR A 60 2.68 4.28 -8.22
CA THR A 60 2.00 3.00 -8.60
C THR A 60 1.21 2.49 -7.39
N TYR A 61 0.80 1.25 -7.43
CA TYR A 61 0.01 0.70 -6.28
C TYR A 61 -0.33 -0.76 -6.56
N TYR A 62 0.17 -1.66 -5.75
CA TYR A 62 -0.13 -3.11 -5.98
C TYR A 62 -0.95 -3.65 -4.80
N CYS A 63 -2.18 -4.01 -5.04
CA CYS A 63 -3.02 -4.55 -3.93
C CYS A 63 -2.61 -5.99 -3.66
N CYS A 64 -2.85 -6.48 -2.47
CA CYS A 64 -2.46 -7.88 -2.15
C CYS A 64 -3.53 -8.52 -1.26
N LYS A 65 -3.53 -9.83 -1.17
CA LYS A 65 -4.55 -10.52 -0.33
C LYS A 65 -3.84 -11.46 0.65
N LYS A 66 -2.57 -11.31 0.83
CA LYS A 66 -1.83 -12.21 1.77
C LYS A 66 -1.51 -11.45 3.06
N ASP A 67 -1.57 -12.12 4.17
CA ASP A 67 -1.26 -11.44 5.46
C ASP A 67 0.12 -10.79 5.40
N LEU A 68 0.16 -9.51 5.20
CA LEU A 68 1.47 -8.79 5.12
C LEU A 68 2.13 -9.09 3.77
N CYS A 69 1.53 -8.63 2.70
CA CYS A 69 2.11 -8.88 1.35
C CYS A 69 3.06 -7.73 1.00
N ASN A 70 2.79 -6.56 1.49
CA ASN A 70 3.67 -5.40 1.18
C ASN A 70 4.89 -5.43 2.10
N PHE A 71 5.88 -6.23 1.77
CA PHE A 71 7.09 -6.30 2.63
C PHE A 71 8.31 -5.80 1.85
N ASN A 72 8.13 -4.79 1.03
CA ASN A 72 9.28 -4.26 0.25
C ASN A 72 9.80 -5.35 -0.69
N GLU A 73 9.00 -5.78 -1.62
CA GLU A 73 9.45 -6.84 -2.56
C GLU A 73 8.26 -7.35 -3.38
N GLN A 74 7.75 -6.54 -4.26
CA GLN A 74 6.58 -6.98 -5.08
C GLN A 74 6.77 -6.50 -6.52
N LEU A 75 6.75 -5.22 -6.74
CA LEU A 75 6.92 -4.70 -8.13
C LEU A 75 8.37 -4.91 -8.57
N GLU A 76 9.29 -4.87 -7.65
CA GLU A 76 10.73 -5.07 -8.02
C GLU A 76 11.05 -4.26 -9.28
N ASN A 77 10.62 -3.03 -9.33
CA ASN A 77 10.90 -2.19 -10.53
C ASN A 77 10.19 -2.79 -11.75
C1 NAG B . -3.03 -7.31 14.86
C2 NAG B . -1.51 -7.20 14.93
C3 NAG B . -1.08 -7.34 16.38
C4 NAG B . -1.74 -6.24 17.18
C5 NAG B . -3.26 -6.38 17.04
C6 NAG B . -4.02 -5.32 17.81
C7 NAG B . 0.14 -7.95 13.37
C8 NAG B . 0.73 -9.08 12.54
N2 NAG B . -0.89 -8.23 14.11
O3 NAG B . 0.34 -7.24 16.48
O4 NAG B . -1.36 -6.34 18.56
O5 NAG B . -3.64 -6.28 15.65
O6 NAG B . -5.34 -5.75 18.11
O7 NAG B . 0.60 -6.83 13.33
H1 NAG B . -3.35 -8.27 15.26
H2 NAG B . -1.20 -6.22 14.56
H3 NAG B . -1.42 -8.32 16.76
H4 NAG B . -1.44 -5.27 16.77
H5 NAG B . -3.57 -7.37 17.40
H61 NAG B . -4.05 -4.40 17.21
H62 NAG B . -3.48 -5.09 18.74
H81 NAG B . 0.09 -9.97 12.60
H82 NAG B . 1.73 -9.34 12.93
H83 NAG B . 0.83 -8.78 11.49
HN2 NAG B . -1.25 -9.15 14.13
HO3 NAG B . 0.66 -6.64 15.81
HO6 NAG B . -5.45 -5.80 19.06
C1 NAG B . -0.75 -5.21 19.11
C2 NAG B . 0.00 -5.59 20.37
C3 NAG B . 0.68 -4.35 20.93
C4 NAG B . 1.62 -3.81 19.86
C5 NAG B . 0.80 -3.47 18.61
C6 NAG B . 1.65 -2.93 17.48
C7 NAG B . -0.50 -7.10 22.15
C8 NAG B . -1.50 -7.64 23.17
N2 NAG B . -0.90 -6.15 21.35
O3 NAG B . 1.41 -4.68 22.10
O4 NAG B . 2.27 -2.64 20.34
O5 NAG B . 0.13 -4.67 18.13
O6 NAG B . 1.34 -1.56 17.21
O7 NAG B . 0.63 -7.53 22.10
H1 NAG B . -1.52 -4.45 19.34
H2 NAG B . 0.77 -6.34 20.12
H3 NAG B . -0.09 -3.60 21.15
H4 NAG B . 2.35 -4.58 19.61
H5 NAG B . 0.03 -2.74 18.88
H61 NAG B . 1.47 -3.53 16.59
H62 NAG B . 2.70 -3.03 17.75
H81 NAG B . -2.52 -7.54 22.77
H82 NAG B . -1.45 -7.07 24.10
H83 NAG B . -1.31 -8.69 23.37
HN2 NAG B . -1.83 -5.82 21.42
HO3 NAG B . 1.33 -3.96 22.73
HO4 NAG B . 2.84 -2.88 21.08
HO6 NAG B . 2.13 -1.03 17.37
N LEU A 1 -6.89 -9.25 6.97
CA LEU A 1 -5.62 -9.09 6.20
C LEU A 1 -4.69 -8.14 6.94
N GLN A 2 -3.45 -8.52 7.09
CA GLN A 2 -2.49 -7.64 7.81
C GLN A 2 -1.71 -6.80 6.79
N CYS A 3 -1.21 -5.67 7.20
CA CYS A 3 -0.45 -4.82 6.25
C CYS A 3 0.54 -3.95 7.03
N TYR A 4 1.59 -3.50 6.40
CA TYR A 4 2.58 -2.64 7.11
C TYR A 4 2.12 -1.19 7.07
N ASN A 5 1.28 -0.80 7.99
CA ASN A 5 0.79 0.61 8.01
C ASN A 5 1.76 1.47 8.81
N CYS A 6 2.20 2.56 8.24
CA CYS A 6 3.16 3.45 8.97
C CYS A 6 2.53 4.85 9.11
N PRO A 7 3.15 5.67 9.93
CA PRO A 7 2.68 7.05 10.17
C PRO A 7 3.10 7.96 9.01
N ASN A 8 3.93 7.49 8.14
CA ASN A 8 4.38 8.34 6.99
C ASN A 8 4.90 7.44 5.87
N PRO A 9 5.17 8.05 4.74
CA PRO A 9 5.68 7.33 3.56
C PRO A 9 7.17 7.05 3.74
N THR A 10 7.48 6.01 4.47
CA THR A 10 8.91 5.65 4.70
C THR A 10 9.40 4.76 3.57
N ALA A 11 10.66 4.41 3.57
CA ALA A 11 11.21 3.55 2.50
C ALA A 11 11.55 2.17 3.09
N ASP A 12 10.76 1.70 4.00
CA ASP A 12 11.03 0.37 4.62
C ASP A 12 10.12 0.19 5.83
N CYS A 13 8.89 0.62 5.73
CA CYS A 13 7.94 0.48 6.87
C CYS A 13 7.96 -0.96 7.39
N LYS A 14 7.99 -1.13 8.68
CA LYS A 14 7.99 -2.51 9.25
C LYS A 14 7.01 -2.56 10.42
N THR A 15 5.97 -1.78 10.37
CA THR A 15 4.97 -1.77 11.48
C THR A 15 3.81 -2.69 11.12
N ALA A 16 3.96 -3.98 11.32
CA ALA A 16 2.85 -4.92 10.99
C ALA A 16 1.64 -4.59 11.87
N VAL A 17 0.48 -4.48 11.28
CA VAL A 17 -0.74 -4.16 12.08
C VAL A 17 -1.97 -4.65 11.33
N ASN A 18 -2.95 -5.13 12.05
CA ASN A 18 -4.20 -5.62 11.38
C ASN A 18 -5.06 -4.43 10.96
N CYS A 19 -5.34 -4.31 9.68
CA CYS A 19 -6.18 -3.17 9.21
C CYS A 19 -7.65 -3.62 9.15
N SER A 20 -8.08 -4.40 10.09
CA SER A 20 -9.49 -4.88 10.09
C SER A 20 -10.44 -3.69 9.92
N SER A 21 -11.44 -3.82 9.09
CA SER A 21 -12.40 -2.72 8.89
C SER A 21 -11.76 -1.60 8.07
N ASP A 22 -12.43 -1.13 7.05
CA ASP A 22 -11.85 -0.04 6.22
C ASP A 22 -10.69 -0.58 5.38
N PHE A 23 -10.88 -1.68 4.72
CA PHE A 23 -9.79 -2.25 3.88
C PHE A 23 -10.24 -3.55 3.22
N ASP A 24 -9.46 -4.08 2.33
CA ASP A 24 -9.83 -5.34 1.64
C ASP A 24 -8.78 -5.68 0.58
N ALA A 25 -7.55 -5.36 0.86
CA ALA A 25 -6.46 -5.63 -0.12
C ALA A 25 -5.21 -4.84 0.28
N CYS A 26 -4.15 -5.51 0.63
CA CYS A 26 -2.91 -4.78 1.02
C CYS A 26 -2.52 -3.86 -0.13
N LEU A 27 -1.82 -2.79 0.15
CA LEU A 27 -1.44 -1.86 -0.94
C LEU A 27 0.02 -1.45 -0.81
N ILE A 28 0.76 -1.58 -1.88
CA ILE A 28 2.19 -1.17 -1.86
C ILE A 28 2.43 -0.20 -3.01
N THR A 29 2.36 1.07 -2.73
CA THR A 29 2.56 2.09 -3.81
C THR A 29 4.00 2.61 -3.75
N LYS A 30 4.59 2.88 -4.88
CA LYS A 30 5.99 3.40 -4.89
C LYS A 30 6.07 4.66 -5.74
N ALA A 31 6.17 5.80 -5.11
CA ALA A 31 6.25 7.08 -5.89
C ALA A 31 7.62 7.71 -5.67
N GLY A 32 8.35 7.95 -6.73
CA GLY A 32 9.70 8.56 -6.58
C GLY A 32 10.55 7.69 -5.65
N LEU A 33 10.98 8.24 -4.55
CA LEU A 33 11.82 7.45 -3.60
C LEU A 33 11.01 7.14 -2.35
N GLN A 34 9.84 7.70 -2.22
CA GLN A 34 9.00 7.44 -1.02
C GLN A 34 8.08 6.24 -1.28
N VAL A 35 7.93 5.38 -0.31
CA VAL A 35 7.05 4.20 -0.50
C VAL A 35 5.76 4.41 0.29
N TYR A 36 4.77 3.59 0.08
CA TYR A 36 3.49 3.76 0.83
C TYR A 36 2.95 2.39 1.24
N ASN A 37 3.30 1.94 2.41
CA ASN A 37 2.79 0.62 2.88
C ASN A 37 1.52 0.83 3.69
N LYS A 38 0.38 0.62 3.10
CA LYS A 38 -0.89 0.83 3.84
C LYS A 38 -1.95 -0.16 3.37
N CYS A 39 -2.91 -0.47 4.19
CA CYS A 39 -3.98 -1.42 3.78
C CYS A 39 -4.91 -0.70 2.80
N TRP A 40 -5.56 -1.44 1.94
CA TRP A 40 -6.45 -0.77 0.96
C TRP A 40 -7.57 -1.72 0.53
N LYS A 41 -8.70 -1.19 0.14
CA LYS A 41 -9.82 -2.08 -0.30
C LYS A 41 -9.61 -2.48 -1.76
N PHE A 42 -10.31 -3.50 -2.20
CA PHE A 42 -10.16 -3.94 -3.61
C PHE A 42 -10.99 -3.02 -4.52
N GLU A 43 -12.06 -2.49 -4.00
CA GLU A 43 -12.90 -1.59 -4.82
C GLU A 43 -12.13 -0.30 -5.12
N HIS A 44 -11.47 0.23 -4.13
CA HIS A 44 -10.68 1.48 -4.35
C HIS A 44 -9.28 1.11 -4.86
N CYS A 45 -9.10 -0.12 -5.28
CA CYS A 45 -7.77 -0.56 -5.77
C CYS A 45 -7.67 -0.34 -7.28
N ASN A 46 -7.66 0.89 -7.72
CA ASN A 46 -7.56 1.15 -9.18
C ASN A 46 -6.44 2.15 -9.45
N PHE A 47 -6.29 2.57 -10.69
CA PHE A 47 -5.21 3.54 -11.00
C PHE A 47 -5.70 4.96 -10.75
N ASN A 48 -6.80 5.11 -10.07
CA ASN A 48 -7.34 6.47 -9.78
C ASN A 48 -7.78 6.55 -8.32
N ASP A 49 -8.49 5.57 -7.84
CA ASP A 49 -8.95 5.60 -6.43
C ASP A 49 -7.74 5.58 -5.49
N VAL A 50 -6.58 5.32 -6.00
CA VAL A 50 -5.38 5.28 -5.12
C VAL A 50 -4.46 6.47 -5.44
N THR A 51 -4.32 6.78 -6.70
CA THR A 51 -3.45 7.94 -7.08
C THR A 51 -4.04 9.24 -6.55
N THR A 52 -5.29 9.23 -6.17
CA THR A 52 -5.93 10.47 -5.65
C THR A 52 -5.87 10.46 -4.12
N ARG A 53 -6.16 9.33 -3.52
CA ARG A 53 -6.13 9.26 -2.03
C ARG A 53 -4.71 9.51 -1.54
N LEU A 54 -3.72 9.07 -2.28
CA LEU A 54 -2.32 9.27 -1.85
C LEU A 54 -1.85 10.67 -2.27
N ARG A 55 -2.66 11.37 -3.03
CA ARG A 55 -2.26 12.73 -3.47
C ARG A 55 -1.07 12.63 -4.42
N GLU A 56 -1.07 11.65 -5.28
CA GLU A 56 0.06 11.48 -6.23
C GLU A 56 -0.42 10.71 -7.45
N ASN A 57 0.03 11.08 -8.63
CA ASN A 57 -0.42 10.37 -9.86
C ASN A 57 0.80 9.82 -10.60
N GLU A 58 1.88 9.57 -9.90
CA GLU A 58 3.10 9.04 -10.57
C GLU A 58 3.70 7.92 -9.72
N LEU A 59 2.97 6.85 -9.52
CA LEU A 59 3.50 5.73 -8.71
C LEU A 59 2.89 4.41 -9.18
N THR A 60 3.27 3.33 -8.57
CA THR A 60 2.72 2.00 -8.97
C THR A 60 1.98 1.38 -7.79
N TYR A 61 0.67 1.39 -7.81
CA TYR A 61 -0.09 0.80 -6.67
C TYR A 61 -0.34 -0.68 -6.92
N TYR A 62 0.20 -1.54 -6.08
CA TYR A 62 -0.01 -3.01 -6.28
C TYR A 62 -0.82 -3.56 -5.11
N CYS A 63 -2.05 -3.92 -5.35
CA CYS A 63 -2.89 -4.46 -4.24
C CYS A 63 -2.60 -5.95 -4.06
N CYS A 64 -2.87 -6.49 -2.91
CA CYS A 64 -2.62 -7.94 -2.67
C CYS A 64 -3.68 -8.52 -1.74
N LYS A 65 -3.66 -9.81 -1.52
CA LYS A 65 -4.67 -10.43 -0.62
C LYS A 65 -3.97 -11.43 0.30
N LYS A 66 -2.72 -11.21 0.60
CA LYS A 66 -1.99 -12.15 1.50
C LYS A 66 -1.53 -11.41 2.75
N ASP A 67 -1.54 -12.06 3.87
CA ASP A 67 -1.11 -11.40 5.14
C ASP A 67 0.24 -10.71 4.93
N LEU A 68 0.31 -9.43 5.18
CA LEU A 68 1.59 -8.70 5.00
C LEU A 68 2.11 -8.95 3.58
N CYS A 69 1.33 -8.65 2.59
CA CYS A 69 1.77 -8.88 1.18
C CYS A 69 2.23 -7.56 0.55
N ASN A 70 2.46 -6.55 1.35
CA ASN A 70 2.91 -5.26 0.78
C ASN A 70 4.25 -4.85 1.42
N PHE A 71 5.27 -5.62 1.20
CA PHE A 71 6.60 -5.30 1.79
C PHE A 71 7.52 -4.73 0.72
N ASN A 72 8.78 -4.60 1.02
CA ASN A 72 9.73 -4.05 0.01
C ASN A 72 10.35 -5.20 -0.80
N GLU A 73 9.56 -5.91 -1.54
CA GLU A 73 10.11 -7.04 -2.35
C GLU A 73 9.02 -7.57 -3.28
N GLN A 74 8.16 -6.71 -3.75
CA GLN A 74 7.08 -7.15 -4.67
C GLN A 74 7.31 -6.54 -6.06
N LEU A 75 7.11 -5.27 -6.19
CA LEU A 75 7.33 -4.62 -7.51
C LEU A 75 8.66 -3.85 -7.49
N GLU A 76 9.38 -3.93 -6.40
CA GLU A 76 10.68 -3.23 -6.32
C GLU A 76 11.73 -3.95 -7.17
N ASN A 77 12.85 -3.34 -7.41
CA ASN A 77 13.91 -3.99 -8.22
C ASN A 77 13.37 -4.23 -9.65
C1 NAG B . -3.48 -9.82 13.35
C2 NAG B . -2.21 -9.92 14.18
C3 NAG B . -1.70 -11.35 14.13
C4 NAG B . -2.79 -12.25 14.69
C5 NAG B . -4.05 -12.09 13.85
C6 NAG B . -5.20 -12.95 14.33
C7 NAG B . -0.26 -8.56 14.43
C8 NAG B . 0.76 -7.61 13.83
N2 NAG B . -1.20 -9.01 13.66
O3 NAG B . -0.52 -11.47 14.90
O4 NAG B . -2.34 -13.62 14.67
O5 NAG B . -4.49 -10.72 13.87
O6 NAG B . -6.36 -12.16 14.55
O7 NAG B . -0.22 -8.87 15.61
H1 NAG B . -3.28 -10.13 12.31
H2 NAG B . -2.44 -9.66 15.22
H3 NAG B . -1.51 -11.63 13.08
H4 NAG B . -3.01 -11.95 15.72
H5 NAG B . -3.82 -12.35 12.80
H61 NAG B . -4.90 -13.45 15.25
H62 NAG B . -5.41 -13.72 13.58
H81 NAG B . 1.24 -8.08 12.96
H82 NAG B . 1.54 -7.37 14.57
H83 NAG B . 0.27 -6.68 13.52
HN2 NAG B . -1.22 -8.76 12.71
HO3 NAG B . 0.24 -11.41 14.32
HO6 NAG B . -6.34 -11.81 15.45
C1 NAG B . -2.17 -14.23 15.90
C2 NAG B . -2.70 -15.66 15.86
C3 NAG B . -2.46 -16.30 17.21
C4 NAG B . -0.97 -16.28 17.50
C5 NAG B . -0.49 -14.83 17.49
C6 NAG B . 1.00 -14.69 17.74
C7 NAG B . -4.55 -16.24 14.47
C8 NAG B . -6.04 -16.20 14.20
N2 NAG B . -4.12 -15.65 15.55
O3 NAG B . -2.95 -17.64 17.22
O4 NAG B . -0.71 -16.87 18.76
O5 NAG B . -0.76 -14.22 16.20
O6 NAG B . 1.26 -13.87 18.86
O7 NAG B . -3.79 -16.80 13.71
H1 NAG B . -2.68 -13.65 16.68
H2 NAG B . -2.15 -16.22 15.10
H3 NAG B . -2.98 -15.71 17.99
H4 NAG B . -0.45 -16.82 16.70
H5 NAG B . -1.04 -14.26 18.25
H61 NAG B . 1.47 -14.28 16.85
H62 NAG B . 1.42 -15.70 17.91
H81 NAG B . -6.56 -16.98 14.77
H82 NAG B . -6.24 -16.36 13.12
H83 NAG B . -6.46 -15.22 14.49
HN2 NAG B . -4.75 -15.20 16.15
HO3 NAG B . -2.54 -18.11 16.50
HO4 NAG B . 0.09 -16.49 19.13
HO6 NAG B . 1.21 -14.39 19.67
N LEU A 1 -7.03 -10.24 6.95
CA LEU A 1 -5.87 -9.87 6.09
C LEU A 1 -5.01 -8.83 6.81
N GLN A 2 -3.80 -9.18 7.14
CA GLN A 2 -2.90 -8.21 7.83
C GLN A 2 -2.11 -7.45 6.77
N CYS A 3 -1.71 -6.24 7.07
CA CYS A 3 -0.93 -5.46 6.07
C CYS A 3 0.08 -4.56 6.80
N TYR A 4 1.11 -4.15 6.13
CA TYR A 4 2.12 -3.27 6.79
C TYR A 4 1.54 -1.87 6.97
N ASN A 5 1.79 -1.25 8.09
CA ASN A 5 1.25 0.13 8.32
C ASN A 5 2.32 1.00 8.96
N CYS A 6 2.35 2.26 8.63
CA CYS A 6 3.38 3.16 9.22
C CYS A 6 2.83 4.60 9.24
N PRO A 7 3.29 5.35 10.20
CA PRO A 7 2.88 6.76 10.38
C PRO A 7 3.60 7.66 9.38
N ASN A 8 4.57 7.13 8.68
CA ASN A 8 5.31 7.95 7.68
C ASN A 8 5.65 7.08 6.46
N PRO A 9 5.66 7.72 5.31
CA PRO A 9 5.97 7.04 4.04
C PRO A 9 7.48 6.81 3.93
N THR A 10 7.96 5.78 4.55
CA THR A 10 9.43 5.49 4.50
C THR A 10 9.67 4.17 3.75
N ALA A 11 10.88 3.93 3.35
CA ALA A 11 11.19 2.67 2.62
C ALA A 11 11.94 1.72 3.55
N ASP A 12 11.45 1.54 4.74
CA ASP A 12 12.13 0.62 5.70
C ASP A 12 11.21 0.40 6.91
N CYS A 13 9.93 0.42 6.68
CA CYS A 13 8.97 0.21 7.80
C CYS A 13 8.63 -1.28 7.94
N LYS A 14 8.61 -1.78 9.13
CA LYS A 14 8.28 -3.22 9.34
C LYS A 14 7.19 -3.35 10.39
N THR A 15 6.53 -2.26 10.70
CA THR A 15 5.45 -2.30 11.72
C THR A 15 4.26 -3.09 11.17
N ALA A 16 4.25 -4.39 11.36
CA ALA A 16 3.11 -5.20 10.85
C ALA A 16 1.86 -4.94 11.70
N VAL A 17 0.77 -4.61 11.07
CA VAL A 17 -0.47 -4.34 11.83
C VAL A 17 -1.68 -4.86 11.05
N ASN A 18 -2.77 -5.09 11.72
CA ASN A 18 -3.98 -5.60 11.02
C ASN A 18 -4.85 -4.40 10.62
N CYS A 19 -5.21 -4.31 9.37
CA CYS A 19 -6.06 -3.17 8.93
C CYS A 19 -7.39 -3.19 9.67
N SER A 20 -8.16 -2.14 9.56
CA SER A 20 -9.46 -2.09 10.28
C SER A 20 -10.46 -3.03 9.58
N SER A 21 -11.73 -2.81 9.78
CA SER A 21 -12.73 -3.69 9.12
C SER A 21 -13.03 -3.18 7.71
N ASP A 22 -12.67 -1.96 7.42
CA ASP A 22 -12.93 -1.41 6.06
C ASP A 22 -11.68 -1.54 5.21
N PHE A 23 -11.19 -2.74 5.04
CA PHE A 23 -9.96 -2.94 4.22
C PHE A 23 -9.89 -4.40 3.77
N ASP A 24 -9.48 -4.63 2.55
CA ASP A 24 -9.38 -6.03 2.05
C ASP A 24 -8.22 -6.16 1.06
N ALA A 25 -7.38 -5.17 0.99
CA ALA A 25 -6.24 -5.24 0.02
C ALA A 25 -5.06 -4.41 0.55
N CYS A 26 -4.03 -5.05 1.03
CA CYS A 26 -2.86 -4.28 1.52
C CYS A 26 -2.30 -3.46 0.36
N LEU A 27 -2.04 -2.20 0.57
CA LEU A 27 -1.53 -1.37 -0.54
C LEU A 27 -0.06 -1.03 -0.33
N ILE A 28 0.74 -1.28 -1.33
CA ILE A 28 2.19 -0.95 -1.24
C ILE A 28 2.54 0.01 -2.38
N THR A 29 2.39 1.29 -2.14
CA THR A 29 2.68 2.27 -3.20
C THR A 29 4.14 2.73 -3.14
N LYS A 30 4.65 3.23 -4.23
CA LYS A 30 6.06 3.70 -4.26
C LYS A 30 6.20 4.77 -5.34
N ALA A 31 6.23 6.02 -4.96
CA ALA A 31 6.36 7.11 -5.96
C ALA A 31 7.84 7.41 -6.22
N GLY A 32 8.66 6.40 -6.32
CA GLY A 32 10.11 6.64 -6.57
C GLY A 32 10.60 7.81 -5.70
N LEU A 33 10.33 7.77 -4.43
CA LEU A 33 10.78 8.87 -3.54
C LEU A 33 10.32 8.60 -2.11
N GLN A 34 9.09 8.18 -1.95
CA GLN A 34 8.58 7.89 -0.58
C GLN A 34 7.59 6.73 -0.65
N VAL A 35 7.86 5.66 0.06
CA VAL A 35 6.94 4.49 0.03
C VAL A 35 5.71 4.79 0.90
N TYR A 36 4.57 4.29 0.52
CA TYR A 36 3.34 4.54 1.32
C TYR A 36 2.74 3.21 1.78
N ASN A 37 3.21 2.69 2.88
CA ASN A 37 2.66 1.40 3.39
C ASN A 37 1.34 1.67 4.11
N LYS A 38 0.24 1.54 3.43
CA LYS A 38 -1.08 1.79 4.07
C LYS A 38 -2.11 0.76 3.59
N CYS A 39 -3.10 0.50 4.39
CA CYS A 39 -4.15 -0.49 4.00
C CYS A 39 -5.07 0.15 2.96
N TRP A 40 -5.52 -0.59 1.99
CA TRP A 40 -6.39 0.00 0.96
C TRP A 40 -7.52 -0.97 0.59
N LYS A 41 -8.59 -0.46 0.05
CA LYS A 41 -9.73 -1.34 -0.33
C LYS A 41 -9.45 -2.00 -1.68
N PHE A 42 -10.10 -3.09 -1.96
CA PHE A 42 -9.87 -3.77 -3.28
C PHE A 42 -10.69 -3.05 -4.35
N GLU A 43 -11.85 -2.57 -3.99
CA GLU A 43 -12.68 -1.86 -4.99
C GLU A 43 -11.99 -0.56 -5.40
N HIS A 44 -11.25 0.02 -4.49
CA HIS A 44 -10.54 1.29 -4.82
C HIS A 44 -9.12 0.96 -5.30
N CYS A 45 -8.90 -0.26 -5.69
CA CYS A 45 -7.54 -0.65 -6.17
C CYS A 45 -7.46 -0.49 -7.69
N ASN A 46 -7.48 0.72 -8.17
CA ASN A 46 -7.40 0.94 -9.65
C ASN A 46 -6.48 2.12 -9.95
N PHE A 47 -6.27 2.43 -11.20
CA PHE A 47 -5.39 3.56 -11.55
C PHE A 47 -6.19 4.86 -11.52
N ASN A 48 -6.86 5.14 -10.44
CA ASN A 48 -7.67 6.39 -10.34
C ASN A 48 -8.15 6.57 -8.91
N ASP A 49 -8.48 5.50 -8.25
CA ASP A 49 -8.96 5.61 -6.84
C ASP A 49 -7.77 5.77 -5.90
N VAL A 50 -6.59 5.47 -6.36
CA VAL A 50 -5.38 5.61 -5.49
C VAL A 50 -4.55 6.82 -5.95
N THR A 51 -4.26 6.89 -7.23
CA THR A 51 -3.44 8.03 -7.73
C THR A 51 -4.11 9.36 -7.36
N THR A 52 -5.37 9.32 -7.00
CA THR A 52 -6.07 10.58 -6.63
C THR A 52 -6.15 10.70 -5.10
N ARG A 53 -6.42 9.61 -4.42
CA ARG A 53 -6.51 9.68 -2.93
C ARG A 53 -5.19 10.22 -2.38
N LEU A 54 -4.09 9.67 -2.83
CA LEU A 54 -2.78 10.17 -2.33
C LEU A 54 -2.44 11.49 -3.02
N ARG A 55 -3.19 11.83 -4.04
CA ARG A 55 -2.93 13.11 -4.76
C ARG A 55 -1.61 13.00 -5.54
N GLU A 56 -1.32 11.84 -6.05
CA GLU A 56 -0.07 11.65 -6.82
C GLU A 56 -0.41 11.21 -8.25
N ASN A 57 0.58 10.89 -9.05
CA ASN A 57 0.30 10.43 -10.44
C ASN A 57 1.26 9.32 -10.83
N GLU A 58 2.53 9.58 -10.80
CA GLU A 58 3.52 8.53 -11.18
C GLU A 58 3.82 7.65 -9.96
N LEU A 59 2.98 6.70 -9.68
CA LEU A 59 3.22 5.82 -8.51
C LEU A 59 2.88 4.37 -8.89
N THR A 60 3.38 3.42 -8.16
CA THR A 60 3.09 2.00 -8.48
C THR A 60 2.33 1.35 -7.32
N TYR A 61 1.10 1.74 -7.11
CA TYR A 61 0.31 1.16 -6.00
C TYR A 61 0.00 -0.31 -6.30
N TYR A 62 0.49 -1.21 -5.48
CA TYR A 62 0.22 -2.65 -5.73
C TYR A 62 -0.61 -3.22 -4.58
N CYS A 63 -1.85 -3.55 -4.82
CA CYS A 63 -2.71 -4.11 -3.74
C CYS A 63 -2.39 -5.59 -3.56
N CYS A 64 -2.66 -6.11 -2.40
CA CYS A 64 -2.38 -7.55 -2.14
C CYS A 64 -3.46 -8.14 -1.24
N LYS A 65 -3.43 -9.42 -1.00
CA LYS A 65 -4.46 -10.05 -0.12
C LYS A 65 -3.82 -11.17 0.68
N LYS A 66 -2.57 -11.06 0.99
CA LYS A 66 -1.88 -12.13 1.77
C LYS A 66 -1.47 -11.58 3.14
N ASP A 67 -1.24 -12.44 4.09
CA ASP A 67 -0.83 -11.97 5.45
C ASP A 67 0.45 -11.14 5.36
N LEU A 68 0.31 -9.86 5.18
CA LEU A 68 1.50 -8.97 5.10
C LEU A 68 2.20 -9.18 3.75
N CYS A 69 1.61 -8.66 2.70
CA CYS A 69 2.21 -8.81 1.35
C CYS A 69 3.04 -7.57 1.01
N ASN A 70 2.91 -6.53 1.79
CA ASN A 70 3.68 -5.29 1.50
C ASN A 70 5.09 -5.42 2.06
N PHE A 71 6.03 -5.82 1.26
CA PHE A 71 7.44 -5.96 1.75
C PHE A 71 8.41 -5.52 0.65
N ASN A 72 8.04 -4.55 -0.13
CA ASN A 72 8.94 -4.08 -1.22
C ASN A 72 9.45 -5.27 -2.02
N GLU A 73 8.62 -5.85 -2.85
CA GLU A 73 9.06 -7.02 -3.67
C GLU A 73 7.85 -7.61 -4.40
N GLN A 74 7.14 -6.81 -5.15
CA GLN A 74 5.97 -7.33 -5.90
C GLN A 74 5.39 -6.22 -6.77
N LEU A 75 6.22 -5.54 -7.51
CA LEU A 75 5.72 -4.45 -8.40
C LEU A 75 6.91 -3.70 -9.00
N GLU A 76 7.96 -3.53 -8.25
CA GLU A 76 9.16 -2.82 -8.78
C GLU A 76 10.32 -3.80 -8.93
N ASN A 77 11.23 -3.53 -9.83
CA ASN A 77 12.39 -4.45 -10.00
C ASN A 77 11.88 -5.88 -10.20
C1 NAG B . -2.35 -7.44 14.68
C2 NAG B . -0.84 -7.46 14.46
C3 NAG B . -0.15 -7.62 15.80
C4 NAG B . -0.56 -6.46 16.69
C5 NAG B . -2.08 -6.47 16.84
C6 NAG B . -2.60 -5.35 17.71
C7 NAG B . 0.61 -8.46 12.85
C8 NAG B . 0.93 -9.64 11.94
N2 NAG B . -0.47 -8.55 13.57
O3 NAG B . 1.26 -7.64 15.64
O4 NAG B . 0.07 -6.57 17.98
O5 NAG B . -2.72 -6.36 15.55
O6 NAG B . -2.46 -4.09 17.05
O7 NAG B . 1.32 -7.48 12.89
H1 NAG B . -2.67 -8.38 15.16
H2 NAG B . -0.53 -6.50 14.01
H3 NAG B . -0.49 -8.56 16.27
H4 NAG B . -0.26 -5.52 16.21
H5 NAG B . -2.39 -7.43 17.28
H61 NAG B . -2.04 -5.33 18.66
H62 NAG B . -3.66 -5.52 17.94
H81 NAG B . 1.58 -9.32 11.12
H82 NAG B . 0.00 -10.05 11.52
H83 NAG B . 1.44 -10.43 12.51
HN2 NAG B . -1.03 -9.34 13.53
HO3 NAG B . 1.51 -6.98 14.97
HO6 NAG B . -3.32 -3.66 16.99
C1 NAG B . -0.38 -7.59 18.80
C2 NAG B . 0.80 -8.23 19.52
C3 NAG B . 0.27 -9.32 20.44
C4 NAG B . -0.69 -8.69 21.42
C5 NAG B . -1.83 -8.04 20.65
C6 NAG B . -2.85 -7.36 21.55
C7 NAG B . 1.33 -9.73 17.73
C8 NAG B . 2.36 -10.28 16.75
N2 NAG B . 1.73 -8.79 18.56
O3 NAG B . 1.35 -9.94 21.13
O4 NAG B . -1.21 -9.68 22.31
O5 NAG B . -1.31 -7.03 19.75
O6 NAG B . -3.22 -8.21 22.62
O7 NAG B . 0.19 -10.14 17.75
H1 NAG B . -0.92 -8.34 18.21
H2 NAG B . 1.31 -7.48 20.12
H3 NAG B . -0.26 -10.07 19.84
H4 NAG B . -0.16 -7.92 21.99
H5 NAG B . -2.34 -8.80 20.04
H61 NAG B . -3.73 -7.10 20.95
H62 NAG B . -2.42 -6.43 21.93
H81 NAG B . 2.04 -11.26 16.38
H82 NAG B . 3.33 -10.37 17.24
H83 NAG B . 2.46 -9.59 15.89
HN2 NAG B . 2.66 -8.48 18.52
HO3 NAG B . 1.37 -9.62 22.04
HO4 NAG B . -0.99 -10.55 21.97
HO6 NAG B . -2.91 -7.82 23.45
N LEU A 1 -6.40 -10.17 7.38
CA LEU A 1 -4.95 -10.33 7.06
C LEU A 1 -4.18 -9.12 7.59
N GLN A 2 -3.03 -9.35 8.17
CA GLN A 2 -2.22 -8.22 8.70
C GLN A 2 -1.42 -7.58 7.57
N CYS A 3 -0.86 -6.44 7.82
CA CYS A 3 -0.06 -5.75 6.77
C CYS A 3 0.78 -4.65 7.41
N TYR A 4 1.87 -4.30 6.80
CA TYR A 4 2.74 -3.23 7.39
C TYR A 4 2.09 -1.86 7.15
N ASN A 5 1.54 -1.27 8.17
CA ASN A 5 0.90 0.07 8.01
C ASN A 5 1.70 1.12 8.77
N CYS A 6 2.03 2.21 8.15
CA CYS A 6 2.83 3.26 8.84
C CYS A 6 2.20 4.63 8.57
N PRO A 7 2.26 5.49 9.56
CA PRO A 7 1.71 6.86 9.46
C PRO A 7 2.67 7.76 8.68
N ASN A 8 3.85 7.27 8.39
CA ASN A 8 4.83 8.11 7.63
C ASN A 8 5.30 7.33 6.40
N PRO A 9 5.45 8.03 5.30
CA PRO A 9 5.90 7.42 4.03
C PRO A 9 7.41 7.18 4.06
N THR A 10 7.81 6.10 4.66
CA THR A 10 9.27 5.79 4.72
C THR A 10 9.59 4.63 3.78
N ALA A 11 10.80 4.57 3.29
CA ALA A 11 11.16 3.47 2.35
C ALA A 11 11.86 2.35 3.13
N ASP A 12 11.44 2.11 4.34
CA ASP A 12 12.07 1.03 5.16
C ASP A 12 11.23 0.79 6.41
N CYS A 13 9.94 0.89 6.30
CA CYS A 13 9.07 0.66 7.49
C CYS A 13 9.25 -0.78 7.98
N LYS A 14 8.64 -1.11 9.08
CA LYS A 14 8.77 -2.50 9.62
C LYS A 14 7.78 -2.68 10.78
N THR A 15 6.60 -2.13 10.66
CA THR A 15 5.61 -2.27 11.76
C THR A 15 4.44 -3.13 11.30
N ALA A 16 4.24 -4.27 11.92
CA ALA A 16 3.11 -5.15 11.53
C ALA A 16 1.83 -4.69 12.22
N VAL A 17 0.85 -4.27 11.47
CA VAL A 17 -0.43 -3.81 12.09
C VAL A 17 -1.59 -4.65 11.55
N ASN A 18 -2.55 -4.94 12.36
CA ASN A 18 -3.71 -5.76 11.88
C ASN A 18 -4.82 -4.83 11.39
N CYS A 19 -4.93 -4.67 10.11
CA CYS A 19 -5.99 -3.77 9.56
C CYS A 19 -7.35 -4.23 10.07
N SER A 20 -8.01 -5.09 9.34
CA SER A 20 -9.34 -5.58 9.79
C SER A 20 -10.32 -4.41 9.84
N SER A 21 -11.52 -4.60 9.38
CA SER A 21 -12.52 -3.50 9.40
C SER A 21 -12.22 -2.51 8.28
N ASP A 22 -13.05 -2.47 7.28
CA ASP A 22 -12.83 -1.53 6.14
C ASP A 22 -11.47 -1.80 5.50
N PHE A 23 -11.06 -3.04 5.47
CA PHE A 23 -9.75 -3.37 4.86
C PHE A 23 -9.85 -4.71 4.14
N ASP A 24 -9.80 -4.71 2.83
CA ASP A 24 -9.90 -6.00 2.08
C ASP A 24 -8.75 -6.14 1.10
N ALA A 25 -8.05 -5.07 0.81
CA ALA A 25 -6.91 -5.18 -0.16
C ALA A 25 -5.73 -4.35 0.34
N CYS A 26 -4.70 -5.00 0.82
CA CYS A 26 -3.51 -4.23 1.30
C CYS A 26 -2.94 -3.45 0.12
N LEU A 27 -2.24 -2.39 0.39
CA LEU A 27 -1.69 -1.58 -0.74
C LEU A 27 -0.19 -1.35 -0.58
N ILE A 28 0.56 -1.65 -1.60
CA ILE A 28 2.02 -1.44 -1.56
C ILE A 28 2.41 -0.58 -2.76
N THR A 29 2.43 0.71 -2.60
CA THR A 29 2.77 1.61 -3.74
C THR A 29 4.26 2.00 -3.68
N LYS A 30 4.82 2.34 -4.80
CA LYS A 30 6.26 2.74 -4.83
C LYS A 30 6.42 3.96 -5.75
N ALA A 31 6.27 5.13 -5.22
CA ALA A 31 6.41 6.36 -6.06
C ALA A 31 7.70 7.09 -5.69
N GLY A 32 8.36 7.68 -6.66
CA GLY A 32 9.62 8.41 -6.38
C GLY A 32 10.52 7.57 -5.46
N LEU A 33 11.33 8.21 -4.66
CA LEU A 33 12.23 7.46 -3.75
C LEU A 33 11.47 7.11 -2.47
N GLN A 34 10.29 7.63 -2.31
CA GLN A 34 9.50 7.33 -1.08
C GLN A 34 8.63 6.09 -1.32
N VAL A 35 8.14 5.48 -0.28
CA VAL A 35 7.28 4.27 -0.46
C VAL A 35 5.97 4.48 0.29
N TYR A 36 4.97 3.67 0.01
CA TYR A 36 3.67 3.84 0.71
C TYR A 36 3.10 2.47 1.09
N ASN A 37 2.89 2.24 2.36
CA ASN A 37 2.34 0.93 2.80
C ASN A 37 1.09 1.17 3.65
N LYS A 38 -0.05 1.25 3.02
CA LYS A 38 -1.31 1.49 3.78
C LYS A 38 -2.40 0.53 3.31
N CYS A 39 -3.43 0.39 4.09
CA CYS A 39 -4.55 -0.51 3.70
C CYS A 39 -5.38 0.18 2.61
N TRP A 40 -5.93 -0.57 1.70
CA TRP A 40 -6.73 0.06 0.63
C TRP A 40 -7.87 -0.88 0.20
N LYS A 41 -8.89 -0.36 -0.40
CA LYS A 41 -10.02 -1.22 -0.84
C LYS A 41 -9.69 -1.81 -2.21
N PHE A 42 -10.29 -2.92 -2.56
CA PHE A 42 -10.00 -3.53 -3.88
C PHE A 42 -10.81 -2.80 -4.95
N GLU A 43 -11.82 -2.09 -4.55
CA GLU A 43 -12.64 -1.34 -5.54
C GLU A 43 -11.96 -0.03 -5.88
N HIS A 44 -11.18 0.49 -4.97
CA HIS A 44 -10.47 1.77 -5.23
C HIS A 44 -9.02 1.47 -5.63
N CYS A 45 -8.74 0.25 -5.99
CA CYS A 45 -7.35 -0.11 -6.38
C CYS A 45 -7.21 0.02 -7.90
N ASN A 46 -6.86 1.18 -8.37
CA ASN A 46 -6.70 1.36 -9.85
C ASN A 46 -5.72 2.50 -10.12
N PHE A 47 -5.54 2.87 -11.36
CA PHE A 47 -4.59 3.97 -11.67
C PHE A 47 -5.33 5.30 -11.65
N ASN A 48 -6.25 5.46 -10.74
CA ASN A 48 -7.01 6.73 -10.65
C ASN A 48 -7.54 6.91 -9.23
N ASP A 49 -8.05 5.85 -8.64
CA ASP A 49 -8.59 5.96 -7.26
C ASP A 49 -7.43 6.14 -6.28
N VAL A 50 -6.25 5.72 -6.65
CA VAL A 50 -5.08 5.86 -5.74
C VAL A 50 -4.37 7.18 -6.03
N THR A 51 -4.28 7.56 -7.28
CA THR A 51 -3.59 8.83 -7.62
C THR A 51 -4.47 10.02 -7.18
N THR A 52 -5.68 9.74 -6.75
CA THR A 52 -6.58 10.84 -6.31
C THR A 52 -6.61 10.89 -4.78
N ARG A 53 -6.84 9.76 -4.16
CA ARG A 53 -6.88 9.73 -2.67
C ARG A 53 -5.57 10.30 -2.12
N LEU A 54 -4.48 9.99 -2.77
CA LEU A 54 -3.17 10.51 -2.31
C LEU A 54 -2.93 11.90 -2.92
N ARG A 55 -3.62 12.21 -3.98
CA ARG A 55 -3.44 13.54 -4.62
C ARG A 55 -2.08 13.58 -5.34
N GLU A 56 -1.71 12.50 -5.98
CA GLU A 56 -0.42 12.47 -6.71
C GLU A 56 -0.63 11.95 -8.13
N ASN A 57 0.42 11.55 -8.80
CA ASN A 57 0.28 11.03 -10.19
C ASN A 57 1.35 9.97 -10.43
N GLU A 58 2.59 10.37 -10.45
CA GLU A 58 3.69 9.38 -10.68
C GLU A 58 3.75 8.43 -9.48
N LEU A 59 3.25 7.23 -9.64
CA LEU A 59 3.28 6.25 -8.52
C LEU A 59 2.58 4.96 -8.94
N THR A 60 3.09 3.83 -8.53
CA THR A 60 2.45 2.54 -8.89
C THR A 60 1.51 2.12 -7.77
N TYR A 61 1.08 0.89 -7.75
CA TYR A 61 0.17 0.43 -6.66
C TYR A 61 -0.16 -1.05 -6.83
N TYR A 62 0.27 -1.86 -5.91
CA TYR A 62 -0.03 -3.33 -6.01
C TYR A 62 -0.90 -3.74 -4.83
N CYS A 63 -2.12 -4.10 -5.07
CA CYS A 63 -3.02 -4.51 -3.96
C CYS A 63 -2.79 -5.99 -3.63
N CYS A 64 -3.02 -6.38 -2.40
CA CYS A 64 -2.81 -7.80 -2.02
C CYS A 64 -3.92 -8.25 -1.06
N LYS A 65 -3.77 -9.40 -0.48
CA LYS A 65 -4.79 -9.92 0.47
C LYS A 65 -4.23 -11.14 1.20
N LYS A 66 -3.16 -10.98 1.92
CA LYS A 66 -2.57 -12.13 2.65
C LYS A 66 -1.81 -11.63 3.87
N ASP A 67 -1.49 -12.50 4.79
CA ASP A 67 -0.75 -12.06 6.02
C ASP A 67 0.58 -11.44 5.62
N LEU A 68 0.63 -10.13 5.56
CA LEU A 68 1.90 -9.44 5.19
C LEU A 68 2.23 -9.67 3.72
N CYS A 69 1.43 -9.11 2.85
CA CYS A 69 1.68 -9.27 1.39
C CYS A 69 2.51 -8.08 0.89
N ASN A 70 2.30 -6.93 1.48
CA ASN A 70 3.04 -5.72 1.04
C ASN A 70 4.38 -5.63 1.80
N PHE A 71 5.41 -6.23 1.28
CA PHE A 71 6.73 -6.17 1.96
C PHE A 71 7.73 -5.46 1.05
N ASN A 72 7.24 -4.56 0.24
CA ASN A 72 8.16 -3.81 -0.69
C ASN A 72 9.02 -4.81 -1.47
N GLU A 73 8.40 -5.69 -2.22
CA GLU A 73 9.20 -6.68 -3.00
C GLU A 73 8.28 -7.45 -3.96
N GLN A 74 7.32 -6.78 -4.53
CA GLN A 74 6.39 -7.49 -5.47
C GLN A 74 6.28 -6.67 -6.77
N LEU A 75 7.19 -5.75 -6.98
CA LEU A 75 7.14 -4.93 -8.22
C LEU A 75 8.48 -4.22 -8.40
N GLU A 76 9.55 -4.96 -8.42
CA GLU A 76 10.89 -4.33 -8.60
C GLU A 76 11.81 -5.28 -9.38
N ASN A 77 11.69 -5.28 -10.68
CA ASN A 77 12.55 -6.19 -11.50
C ASN A 77 12.13 -7.64 -11.28
C1 NAG B . -1.47 -6.53 15.56
C2 NAG B . 0.01 -6.33 15.20
C3 NAG B . 0.79 -6.16 16.49
C4 NAG B . 0.24 -4.95 17.23
C5 NAG B . -1.23 -5.19 17.53
C6 NAG B . -1.89 -4.03 18.25
C7 NAG B . 0.47 -7.47 13.16
C8 NAG B . 1.00 -8.70 12.44
N2 NAG B . 0.50 -7.48 14.47
O3 NAG B . 2.18 -5.97 16.20
O4 NAG B . 0.98 -4.74 18.45
O5 NAG B . -1.96 -5.40 16.29
O6 NAG B . -3.17 -4.40 18.76
O7 NAG B . 0.04 -6.52 12.54
H1 NAG B . -1.58 -7.40 16.20
H2 NAG B . 0.11 -5.43 14.60
H3 NAG B . 0.66 -7.06 17.12
H4 NAG B . 0.33 -4.07 16.58
H5 NAG B . -1.34 -6.11 18.13
H61 NAG B . -1.97 -3.19 17.57
H62 NAG B . -1.24 -3.74 19.09
H81 NAG B . 0.73 -8.67 11.38
H82 NAG B . 0.57 -9.61 12.88
H83 NAG B . 2.09 -8.75 12.53
HN2 NAG B . 0.84 -8.26 14.95
HO3 NAG B . 2.66 -6.76 16.45
HO6 NAG B . -3.17 -5.33 19.00
C1 NAG B . 1.08 -5.82 19.32
C2 NAG B . 2.08 -5.50 20.43
C3 NAG B . 2.14 -6.67 21.38
C4 NAG B . 0.75 -6.90 21.95
C5 NAG B . -0.21 -7.18 20.81
C6 NAG B . -1.64 -7.40 21.26
C7 NAG B . 4.14 -4.32 20.33
C8 NAG B . 5.51 -4.11 19.68
N2 NAG B . 3.40 -5.26 19.85
O3 NAG B . 3.07 -6.41 22.42
O4 NAG B . 0.77 -7.99 22.86
O5 NAG B . -0.23 -6.06 19.89
O6 NAG B . -2.26 -6.18 21.63
O7 NAG B . 3.79 -3.63 21.26
H1 NAG B . 1.38 -6.72 18.78
H2 NAG B . 1.74 -4.61 20.97
H3 NAG B . 2.44 -7.58 20.83
H4 NAG B . 0.43 -5.98 22.47
H5 NAG B . 0.13 -8.07 20.26
H61 NAG B . -1.63 -8.09 22.13
H62 NAG B . -2.21 -7.89 20.46
H81 NAG B . 6.28 -4.66 20.24
H82 NAG B . 5.77 -3.05 19.68
H83 NAG B . 5.50 -4.48 18.65
HN2 NAG B . 3.71 -5.80 19.09
HO3 NAG B . 3.77 -7.06 22.40
HO4 NAG B . 1.57 -7.96 23.39
HO6 NAG B . -3.16 -6.17 21.28
N LEU A 1 -6.68 -9.98 7.38
CA LEU A 1 -5.50 -9.62 6.56
C LEU A 1 -4.63 -8.62 7.32
N GLN A 2 -3.34 -8.84 7.32
CA GLN A 2 -2.43 -7.91 8.05
C GLN A 2 -1.73 -7.01 7.04
N CYS A 3 -1.30 -5.85 7.46
CA CYS A 3 -0.61 -4.92 6.52
C CYS A 3 0.29 -3.97 7.31
N TYR A 4 1.24 -3.37 6.65
CA TYR A 4 2.16 -2.43 7.36
C TYR A 4 1.57 -1.02 7.36
N ASN A 5 1.75 -0.29 8.42
CA ASN A 5 1.19 1.09 8.48
C ASN A 5 2.12 1.97 9.34
N CYS A 6 3.02 2.68 8.70
CA CYS A 6 3.95 3.55 9.48
C CYS A 6 3.37 4.96 9.59
N PRO A 7 3.95 5.75 10.46
CA PRO A 7 3.52 7.14 10.70
C PRO A 7 4.02 8.05 9.58
N ASN A 8 4.80 7.53 8.68
CA ASN A 8 5.31 8.37 7.56
C ASN A 8 5.57 7.49 6.33
N PRO A 9 5.53 8.10 5.18
CA PRO A 9 5.74 7.41 3.90
C PRO A 9 7.24 7.16 3.70
N THR A 10 7.74 6.11 4.30
CA THR A 10 9.19 5.80 4.15
C THR A 10 9.36 4.53 3.32
N ALA A 11 10.57 4.11 3.09
CA ALA A 11 10.80 2.88 2.29
C ALA A 11 11.53 1.84 3.14
N ASP A 12 10.98 1.51 4.29
CA ASP A 12 11.65 0.51 5.17
C ASP A 12 10.80 0.30 6.43
N CYS A 13 9.51 0.39 6.28
CA CYS A 13 8.62 0.20 7.46
C CYS A 13 8.41 -1.29 7.71
N LYS A 14 8.21 -1.68 8.94
CA LYS A 14 8.00 -3.13 9.26
C LYS A 14 6.97 -3.26 10.37
N THR A 15 6.28 -2.20 10.69
CA THR A 15 5.26 -2.27 11.77
C THR A 15 3.97 -2.90 11.22
N ALA A 16 3.75 -4.16 11.49
CA ALA A 16 2.52 -4.83 10.99
C ALA A 16 1.31 -4.40 11.83
N VAL A 17 0.13 -4.55 11.30
CA VAL A 17 -1.09 -4.16 12.06
C VAL A 17 -2.34 -4.56 11.28
N ASN A 18 -3.34 -5.04 11.96
CA ASN A 18 -4.59 -5.45 11.26
C ASN A 18 -5.04 -4.32 10.32
N CYS A 19 -5.39 -4.66 9.11
CA CYS A 19 -5.85 -3.61 8.16
C CYS A 19 -6.91 -2.73 8.82
N SER A 20 -8.16 -3.06 8.62
CA SER A 20 -9.24 -2.24 9.24
C SER A 20 -10.60 -2.86 8.89
N SER A 21 -11.67 -2.19 9.22
CA SER A 21 -13.01 -2.75 8.90
C SER A 21 -13.20 -2.77 7.38
N ASP A 22 -13.10 -1.64 6.74
CA ASP A 22 -13.28 -1.60 5.26
C ASP A 22 -11.90 -1.74 4.60
N PHE A 23 -11.24 -2.83 4.81
CA PHE A 23 -9.90 -3.04 4.20
C PHE A 23 -9.64 -4.53 4.00
N ASP A 24 -9.28 -4.93 2.81
CA ASP A 24 -9.02 -6.38 2.57
C ASP A 24 -8.03 -6.54 1.41
N ALA A 25 -7.25 -5.52 1.13
CA ALA A 25 -6.27 -5.62 0.02
C ALA A 25 -5.01 -4.84 0.40
N CYS A 26 -3.97 -5.52 0.83
CA CYS A 26 -2.73 -4.80 1.19
C CYS A 26 -2.30 -3.94 0.00
N LEU A 27 -1.85 -2.75 0.24
CA LEU A 27 -1.44 -1.88 -0.90
C LEU A 27 0.05 -1.60 -0.85
N ILE A 28 0.73 -1.82 -1.94
CA ILE A 28 2.19 -1.56 -1.99
C ILE A 28 2.45 -0.51 -3.07
N THR A 29 2.70 0.71 -2.68
CA THR A 29 2.94 1.79 -3.67
C THR A 29 4.45 1.98 -3.86
N LYS A 30 4.85 2.44 -5.01
CA LYS A 30 6.30 2.67 -5.26
C LYS A 30 6.47 3.90 -6.17
N ALA A 31 6.56 5.06 -5.59
CA ALA A 31 6.73 6.29 -6.41
C ALA A 31 8.22 6.56 -6.62
N GLY A 32 8.58 7.78 -6.89
CA GLY A 32 10.02 8.11 -7.11
C GLY A 32 10.86 7.41 -6.04
N LEU A 33 10.95 7.99 -4.87
CA LEU A 33 11.77 7.36 -3.79
C LEU A 33 10.94 7.32 -2.50
N GLN A 34 9.65 7.16 -2.62
CA GLN A 34 8.80 7.11 -1.39
C GLN A 34 7.84 5.91 -1.50
N VAL A 35 7.90 5.02 -0.55
CA VAL A 35 6.99 3.83 -0.60
C VAL A 35 5.81 4.06 0.34
N TYR A 36 4.61 3.89 -0.16
CA TYR A 36 3.41 4.09 0.70
C TYR A 36 2.93 2.74 1.22
N ASN A 37 3.52 2.26 2.27
CA ASN A 37 3.11 0.95 2.84
C ASN A 37 1.83 1.13 3.66
N LYS A 38 0.70 0.96 3.04
CA LYS A 38 -0.58 1.12 3.78
C LYS A 38 -1.61 0.12 3.27
N CYS A 39 -2.58 -0.20 4.07
CA CYS A 39 -3.61 -1.17 3.62
C CYS A 39 -4.60 -0.46 2.70
N TRP A 40 -5.23 -1.17 1.81
CA TRP A 40 -6.16 -0.51 0.87
C TRP A 40 -7.22 -1.52 0.40
N LYS A 41 -8.31 -1.04 -0.15
CA LYS A 41 -9.35 -1.98 -0.64
C LYS A 41 -8.96 -2.48 -2.03
N PHE A 42 -9.43 -3.64 -2.40
CA PHE A 42 -9.09 -4.17 -3.75
C PHE A 42 -9.97 -3.50 -4.79
N GLU A 43 -11.06 -2.92 -4.37
CA GLU A 43 -11.96 -2.24 -5.33
C GLU A 43 -11.45 -0.82 -5.58
N HIS A 44 -10.76 -0.26 -4.63
CA HIS A 44 -10.23 1.12 -4.80
C HIS A 44 -8.80 1.06 -5.33
N CYS A 45 -8.35 -0.11 -5.72
CA CYS A 45 -6.96 -0.23 -6.24
C CYS A 45 -6.94 0.05 -7.75
N ASN A 46 -6.88 1.29 -8.13
CA ASN A 46 -6.86 1.63 -9.57
C ASN A 46 -5.99 2.87 -9.78
N PHE A 47 -5.95 3.40 -10.98
CA PHE A 47 -5.12 4.61 -11.22
C PHE A 47 -5.96 5.86 -10.93
N ASN A 48 -6.72 5.83 -9.86
CA ASN A 48 -7.57 7.01 -9.50
C ASN A 48 -8.07 6.84 -8.07
N ASP A 49 -8.53 5.66 -7.73
CA ASP A 49 -9.02 5.44 -6.34
C ASP A 49 -7.85 5.52 -5.37
N VAL A 50 -6.65 5.48 -5.88
CA VAL A 50 -5.46 5.57 -4.99
C VAL A 50 -4.66 6.83 -5.33
N THR A 51 -4.49 7.10 -6.59
CA THR A 51 -3.73 8.33 -6.98
C THR A 51 -4.54 9.57 -6.62
N THR A 52 -5.82 9.42 -6.40
CA THR A 52 -6.67 10.57 -6.04
C THR A 52 -6.83 10.63 -4.53
N ARG A 53 -6.93 9.51 -3.88
CA ARG A 53 -7.09 9.51 -2.40
C ARG A 53 -5.81 10.08 -1.78
N LEU A 54 -4.69 9.76 -2.35
CA LEU A 54 -3.40 10.28 -1.83
C LEU A 54 -3.05 11.59 -2.56
N ARG A 55 -3.95 12.08 -3.36
CA ARG A 55 -3.68 13.34 -4.11
C ARG A 55 -2.28 13.29 -4.71
N GLU A 56 -1.89 12.17 -5.27
CA GLU A 56 -0.54 12.06 -5.88
C GLU A 56 -0.71 11.66 -7.36
N ASN A 57 0.36 11.28 -8.00
CA ASN A 57 0.25 10.88 -9.43
C ASN A 57 1.41 9.94 -9.79
N GLU A 58 2.60 10.47 -9.91
CA GLU A 58 3.76 9.61 -10.26
C GLU A 58 3.97 8.56 -9.17
N LEU A 59 3.34 7.42 -9.31
CA LEU A 59 3.50 6.36 -8.28
C LEU A 59 2.78 5.08 -8.72
N THR A 60 3.27 3.94 -8.34
CA THR A 60 2.59 2.67 -8.73
C THR A 60 1.68 2.22 -7.60
N TYR A 61 1.01 1.11 -7.77
CA TYR A 61 0.09 0.63 -6.69
C TYR A 61 -0.33 -0.82 -6.97
N TYR A 62 -0.07 -1.71 -6.05
CA TYR A 62 -0.48 -3.13 -6.27
C TYR A 62 -1.23 -3.64 -5.04
N CYS A 63 -2.39 -4.21 -5.23
CA CYS A 63 -3.17 -4.73 -4.07
C CYS A 63 -3.00 -6.24 -3.95
N CYS A 64 -3.06 -6.76 -2.75
CA CYS A 64 -2.91 -8.24 -2.58
C CYS A 64 -3.76 -8.71 -1.40
N LYS A 65 -3.73 -9.98 -1.10
CA LYS A 65 -4.56 -10.49 0.03
C LYS A 65 -3.69 -11.39 0.93
N LYS A 66 -2.40 -11.25 0.87
CA LYS A 66 -1.52 -12.11 1.72
C LYS A 66 -1.15 -11.35 2.99
N ASP A 67 -1.23 -12.00 4.12
CA ASP A 67 -0.88 -11.31 5.40
C ASP A 67 0.49 -10.64 5.26
N LEU A 68 0.50 -9.35 5.09
CA LEU A 68 1.79 -8.62 4.94
C LEU A 68 2.38 -8.89 3.56
N CYS A 69 1.70 -8.49 2.52
CA CYS A 69 2.23 -8.72 1.14
C CYS A 69 2.74 -7.39 0.58
N ASN A 70 2.76 -6.36 1.38
CA ASN A 70 3.26 -5.03 0.91
C ASN A 70 4.52 -4.66 1.68
N PHE A 71 5.45 -5.57 1.79
CA PHE A 71 6.70 -5.27 2.54
C PHE A 71 7.80 -4.87 1.55
N ASN A 72 7.46 -4.05 0.59
CA ASN A 72 8.49 -3.61 -0.41
C ASN A 72 9.08 -4.84 -1.11
N GLU A 73 8.26 -5.55 -1.85
CA GLU A 73 8.77 -6.76 -2.56
C GLU A 73 7.61 -7.42 -3.32
N GLN A 74 6.80 -6.64 -3.99
CA GLN A 74 5.66 -7.23 -4.74
C GLN A 74 5.60 -6.62 -6.14
N LEU A 75 6.66 -6.00 -6.58
CA LEU A 75 6.65 -5.38 -7.94
C LEU A 75 7.88 -5.86 -8.71
N GLU A 76 9.03 -5.35 -8.41
CA GLU A 76 10.26 -5.77 -9.13
C GLU A 76 10.51 -7.26 -8.90
N ASN A 77 10.44 -8.05 -9.94
CA ASN A 77 10.67 -9.52 -9.76
C ASN A 77 11.84 -9.95 -10.64
C1 NAG B . -4.32 -8.90 13.81
C2 NAG B . -2.99 -9.03 14.54
C3 NAG B . -2.84 -10.46 15.03
C4 NAG B . -4.00 -10.77 15.94
C5 NAG B . -5.31 -10.59 15.18
C6 NAG B . -6.54 -10.86 16.02
C7 NAG B . -1.17 -7.63 13.88
C8 NAG B . -0.05 -7.32 12.91
N2 NAG B . -1.90 -8.69 13.65
O3 NAG B . -1.61 -10.62 15.71
O4 NAG B . -3.90 -12.12 16.43
O5 NAG B . -5.40 -9.23 14.70
O6 NAG B . -6.21 -10.91 17.40
O7 NAG B . -1.39 -6.92 14.84
H1 NAG B . -4.35 -9.59 12.97
H2 NAG B . -2.98 -8.36 15.41
H3 NAG B . -2.88 -11.14 14.16
H4 NAG B . -3.98 -10.07 16.79
H5 NAG B . -5.31 -11.26 14.31
H61 NAG B . -6.98 -11.82 15.71
H62 NAG B . -7.27 -10.06 15.84
H81 NAG B . 0.05 -6.23 12.77
H82 NAG B . -0.25 -7.78 11.94
H83 NAG B . 0.90 -7.70 13.29
HN2 NAG B . -1.71 -9.24 12.86
HO3 NAG B . -1.66 -10.19 16.56
HO6 NAG B . -5.74 -10.12 17.65
C1 NAG B . -3.23 -12.29 17.63
C2 NAG B . -3.71 -13.56 18.33
C3 NAG B . -2.94 -13.72 19.62
C4 NAG B . -1.46 -13.80 19.28
C5 NAG B . -1.05 -12.53 18.56
C6 NAG B . 0.41 -12.52 18.17
C7 NAG B . -5.99 -13.72 17.66
C8 NAG B . -7.47 -13.61 18.01
N2 NAG B . -5.13 -13.47 18.61
O3 NAG B . -3.35 -14.90 20.29
O4 NAG B . -0.69 -13.98 20.47
O5 NAG B . -1.82 -12.37 17.36
O6 NAG B . 0.79 -13.73 17.54
O7 NAG B . -5.63 -14.02 16.54
H1 NAG B . -3.40 -11.42 18.28
H2 NAG B . -3.51 -14.41 17.68
H3 NAG B . -3.10 -12.85 20.26
H4 NAG B . -1.29 -14.66 18.62
H5 NAG B . -1.25 -11.66 19.22
H61 NAG B . 1.03 -12.36 19.07
H62 NAG B . 0.59 -11.67 17.49
H81 NAG B . -7.67 -12.66 18.54
H82 NAG B . -7.77 -14.45 18.66
H83 NAG B . -8.08 -13.64 17.10
HN2 NAG B . -5.44 -13.23 19.51
HO3 NAG B . -3.74 -15.51 19.66
HO4 NAG B . 0.06 -13.38 20.45
HO6 NAG B . 1.10 -14.35 18.20
#